data_4KNW
#
_entry.id   4KNW
#
_cell.length_a   46.777
_cell.length_b   102.560
_cell.length_c   186.665
_cell.angle_alpha   90.00
_cell.angle_beta   90.00
_cell.angle_gamma   90.00
#
_symmetry.space_group_name_H-M   'P 21 21 21'
#
loop_
_entity.id
_entity.type
_entity.pdbx_description
1 polymer N-acylneuraminate-9-phosphatase
2 non-polymer 'VANADATE ION'
3 non-polymer 'MAGNESIUM ION'
4 water water
#
_entity_poly.entity_id   1
_entity_poly.type   'polypeptide(L)'
_entity_poly.pdbx_seq_one_letter_code
;MGSGLSRVRAVFFDLDNTLIDTAGASRRGMLEVIKLLQSKYHYKEEAEIICDKVQVKLSKECFHPYNTCITDLRTSHWEE
AIQETKGGAANRKLAEECYFLWKSTRLQHMTLAEDVKAMLTELRKEVRLLLLTNGDRQTQREKIEACACQSYFDAVVVGG
EQREEKPAPSIFYYCCNLLGVQPGDCVMVGDTLETDIQGGLNAGLKATVWINKNGIVPLKSSPVPHYMVSSVLELPALLQ
SIDCKVSMSTEFGLVPR
;
_entity_poly.pdbx_strand_id   A,B,C
#
loop_
_chem_comp.id
_chem_comp.type
_chem_comp.name
_chem_comp.formula
MG non-polymer 'MAGNESIUM ION' 'Mg 2'
VO4 non-polymer 'VANADATE ION' 'O4 V -3'
#
# COMPACT_ATOMS: atom_id res chain seq x y z
N SER A 6 -8.21 -24.98 -12.74
CA SER A 6 -7.39 -23.80 -12.58
C SER A 6 -7.86 -22.95 -11.40
N ARG A 7 -8.91 -23.42 -10.73
CA ARG A 7 -9.44 -22.72 -9.56
C ARG A 7 -8.67 -23.12 -8.31
N VAL A 8 -8.62 -22.21 -7.34
CA VAL A 8 -7.94 -22.50 -6.08
C VAL A 8 -8.73 -23.55 -5.31
N ARG A 9 -8.05 -24.60 -4.88
CA ARG A 9 -8.71 -25.69 -4.18
C ARG A 9 -8.25 -25.76 -2.73
N ALA A 10 -7.20 -25.02 -2.39
CA ALA A 10 -6.67 -25.03 -1.03
C ALA A 10 -5.85 -23.79 -0.75
N VAL A 11 -5.93 -23.31 0.48
CA VAL A 11 -5.13 -22.17 0.93
C VAL A 11 -4.38 -22.51 2.21
N PHE A 12 -3.07 -22.34 2.21
CA PHE A 12 -2.26 -22.60 3.39
C PHE A 12 -1.99 -21.29 4.13
N PHE A 13 -2.03 -21.36 5.46
CA PHE A 13 -1.89 -20.18 6.30
C PHE A 13 -0.78 -20.31 7.32
N ASP A 14 0.12 -19.33 7.36
CA ASP A 14 1.09 -19.21 8.45
C ASP A 14 0.30 -18.80 9.70
N LEU A 15 0.86 -19.06 10.88
CA LEU A 15 0.20 -18.67 12.11
C LEU A 15 0.78 -17.37 12.69
N ASP A 16 2.06 -17.40 13.08
CA ASP A 16 2.68 -16.27 13.76
C ASP A 16 2.80 -15.01 12.91
N ASN A 17 2.25 -13.91 13.41
CA ASN A 17 2.28 -12.60 12.73
C ASN A 17 1.56 -12.62 11.40
N THR A 18 0.75 -13.65 11.18
CA THR A 18 -0.11 -13.74 10.01
C THR A 18 -1.56 -13.82 10.46
N LEU A 19 -1.83 -14.72 11.40
CA LEU A 19 -3.17 -14.88 11.93
C LEU A 19 -3.26 -14.38 13.37
N ILE A 20 -2.14 -14.46 14.09
CA ILE A 20 -2.07 -13.92 15.44
C ILE A 20 -0.89 -12.97 15.61
N ASP A 21 -1.06 -11.97 16.45
CA ASP A 21 -0.01 -11.00 16.72
C ASP A 21 1.01 -11.55 17.71
N THR A 22 1.84 -12.48 17.25
CA THR A 22 2.86 -13.09 18.10
C THR A 22 3.85 -12.05 18.62
N ALA A 23 4.33 -11.17 17.74
CA ALA A 23 5.30 -10.15 18.10
C ALA A 23 4.79 -9.20 19.19
N GLY A 24 3.57 -8.71 19.02
CA GLY A 24 2.95 -7.86 20.01
C GLY A 24 2.79 -8.59 21.34
N ALA A 25 2.39 -9.85 21.27
CA ALA A 25 2.19 -10.65 22.46
C ALA A 25 3.52 -10.92 23.16
N SER A 26 4.55 -11.25 22.37
CA SER A 26 5.85 -11.56 22.95
C SER A 26 6.48 -10.34 23.62
N ARG A 27 6.30 -9.16 23.06
CA ARG A 27 6.84 -7.97 23.69
C ARG A 27 6.06 -7.60 24.95
N ARG A 28 4.77 -7.88 24.96
CA ARG A 28 3.95 -7.66 26.14
C ARG A 28 4.49 -8.47 27.32
N GLY A 29 4.94 -9.69 27.03
CA GLY A 29 5.57 -10.53 28.03
C GLY A 29 6.87 -9.92 28.52
N MET A 30 7.68 -9.43 27.59
CA MET A 30 8.93 -8.77 27.95
C MET A 30 8.66 -7.55 28.85
N LEU A 31 7.69 -6.74 28.48
CA LEU A 31 7.28 -5.60 29.30
C LEU A 31 6.92 -6.00 30.74
N GLU A 32 6.28 -7.15 30.90
CA GLU A 32 5.94 -7.62 32.23
C GLU A 32 7.18 -8.07 32.99
N VAL A 33 8.13 -8.66 32.28
CA VAL A 33 9.39 -9.09 32.90
C VAL A 33 10.18 -7.87 33.37
N ILE A 34 10.20 -6.85 32.55
CA ILE A 34 10.87 -5.61 32.91
C ILE A 34 10.18 -4.98 34.12
N LYS A 35 8.85 -4.95 34.08
CA LYS A 35 8.05 -4.46 35.20
C LYS A 35 8.35 -5.26 36.47
N LEU A 36 8.57 -6.56 36.32
CA LEU A 36 8.87 -7.41 37.46
C LEU A 36 10.25 -7.11 38.03
N LEU A 37 11.27 -7.19 37.18
CA LEU A 37 12.65 -7.00 37.61
C LEU A 37 12.90 -5.62 38.22
N GLN A 38 12.42 -4.58 37.55
CA GLN A 38 12.60 -3.22 38.03
C GLN A 38 11.90 -2.96 39.37
N SER A 39 10.62 -3.29 39.44
CA SER A 39 9.82 -3.01 40.63
C SER A 39 10.18 -3.93 41.80
N LYS A 40 10.05 -5.24 41.58
CA LYS A 40 10.28 -6.21 42.63
C LYS A 40 11.74 -6.35 43.02
N TYR A 41 12.58 -6.66 42.04
CA TYR A 41 13.99 -6.95 42.31
C TYR A 41 14.89 -5.71 42.23
N HIS A 42 14.27 -4.54 42.17
CA HIS A 42 14.99 -3.26 42.23
C HIS A 42 16.03 -3.10 41.12
N TYR A 43 15.58 -3.21 39.87
CA TYR A 43 16.45 -3.05 38.72
C TYR A 43 16.22 -1.69 38.08
N LYS A 44 17.17 -1.24 37.28
CA LYS A 44 17.06 0.05 36.60
C LYS A 44 16.86 -0.16 35.10
N GLU A 45 17.94 0.03 34.33
CA GLU A 45 17.87 -0.15 32.89
C GLU A 45 18.55 -1.44 32.47
N GLU A 46 18.99 -2.21 33.46
CA GLU A 46 19.64 -3.50 33.22
C GLU A 46 18.63 -4.52 32.71
N ALA A 47 17.39 -4.38 33.17
CA ALA A 47 16.32 -5.31 32.79
C ALA A 47 16.09 -5.31 31.29
N GLU A 48 16.01 -4.12 30.70
CA GLU A 48 15.78 -4.00 29.27
C GLU A 48 16.91 -4.67 28.47
N ILE A 49 18.12 -4.66 29.02
CA ILE A 49 19.24 -5.32 28.37
C ILE A 49 19.09 -6.83 28.41
N ILE A 50 18.66 -7.34 29.56
CA ILE A 50 18.44 -8.78 29.75
C ILE A 50 17.44 -9.34 28.74
N CYS A 51 16.35 -8.62 28.53
CA CYS A 51 15.31 -9.05 27.60
C CYS A 51 15.81 -9.08 26.16
N ASP A 52 16.64 -8.10 25.80
CA ASP A 52 17.23 -8.07 24.47
C ASP A 52 18.15 -9.26 24.25
N LYS A 53 18.94 -9.60 25.26
CA LYS A 53 19.83 -10.75 25.18
C LYS A 53 19.04 -12.03 24.95
N VAL A 54 17.93 -12.18 25.69
CA VAL A 54 17.05 -13.33 25.51
C VAL A 54 16.47 -13.34 24.11
N GLN A 55 16.05 -12.17 23.65
CA GLN A 55 15.41 -12.05 22.34
C GLN A 55 16.35 -12.50 21.23
N VAL A 56 17.63 -12.16 21.35
CA VAL A 56 18.59 -12.57 20.33
C VAL A 56 18.99 -14.03 20.54
N LYS A 57 18.92 -14.50 21.78
CA LYS A 57 19.19 -15.89 22.09
C LYS A 57 18.15 -16.80 21.44
N LEU A 58 16.89 -16.36 21.50
CA LEU A 58 15.79 -17.11 20.90
C LEU A 58 15.95 -17.25 19.39
N SER A 59 16.46 -16.21 18.75
CA SER A 59 16.64 -16.17 17.31
C SER A 59 17.73 -17.15 16.85
N LYS A 60 18.74 -17.33 17.70
CA LYS A 60 19.87 -18.21 17.37
C LYS A 60 19.60 -19.65 17.82
N GLU A 61 18.37 -19.95 18.20
CA GLU A 61 18.00 -21.29 18.65
C GLU A 61 16.99 -21.96 17.71
N CYS A 62 16.22 -21.15 16.99
CA CYS A 62 15.29 -21.67 16.00
C CYS A 62 16.03 -22.26 14.81
N PHE A 63 16.65 -23.42 15.02
CA PHE A 63 17.53 -24.01 14.00
C PHE A 63 16.96 -25.26 13.34
N HIS A 64 15.99 -25.90 14.01
CA HIS A 64 15.39 -27.17 13.57
C HIS A 64 16.41 -28.33 13.61
N PRO A 65 15.98 -29.53 14.03
CA PRO A 65 14.61 -29.97 14.37
C PRO A 65 14.25 -29.91 15.84
N TYR A 66 14.98 -29.16 16.65
CA TYR A 66 14.73 -29.05 18.10
C TYR A 66 14.82 -30.41 18.79
N ASN A 67 14.62 -30.45 20.11
CA ASN A 67 14.80 -31.72 20.81
C ASN A 67 13.92 -31.97 22.04
N THR A 68 13.58 -30.91 22.76
CA THR A 68 12.82 -31.02 24.01
C THR A 68 13.61 -31.71 25.13
N CYS A 69 13.52 -31.22 26.37
CA CYS A 69 12.63 -30.11 26.71
C CYS A 69 13.17 -28.74 26.29
N ILE A 70 12.35 -28.03 25.51
CA ILE A 70 12.66 -26.66 25.11
C ILE A 70 12.49 -25.73 26.32
N THR A 71 11.61 -26.11 27.23
CA THR A 71 11.40 -25.34 28.46
C THR A 71 12.72 -25.19 29.20
N ASP A 72 13.47 -26.27 29.33
CA ASP A 72 14.79 -26.23 29.97
C ASP A 72 15.75 -25.36 29.18
N LEU A 73 15.57 -25.32 27.86
CA LEU A 73 16.44 -24.54 26.99
C LEU A 73 16.15 -23.05 27.10
N ARG A 74 14.89 -22.69 26.93
CA ARG A 74 14.48 -21.29 26.96
C ARG A 74 14.57 -20.71 28.37
N THR A 75 14.53 -21.58 29.38
CA THR A 75 14.72 -21.15 30.76
C THR A 75 16.18 -20.85 31.01
N SER A 76 17.05 -21.67 30.42
CA SER A 76 18.49 -21.46 30.51
C SER A 76 18.87 -20.18 29.77
N HIS A 77 18.09 -19.84 28.75
CA HIS A 77 18.29 -18.59 28.02
C HIS A 77 18.19 -17.38 28.94
N TRP A 78 17.41 -17.50 30.01
CA TRP A 78 17.25 -16.41 30.96
C TRP A 78 18.39 -16.35 31.98
N GLU A 79 18.73 -17.48 32.56
CA GLU A 79 19.81 -17.51 33.55
C GLU A 79 21.16 -17.13 32.92
N GLU A 80 21.33 -17.46 31.64
CA GLU A 80 22.51 -17.03 30.89
C GLU A 80 22.46 -15.54 30.63
N ALA A 81 21.26 -15.00 30.48
CA ALA A 81 21.09 -13.58 30.19
C ALA A 81 21.23 -12.73 31.44
N ILE A 82 20.69 -13.22 32.55
CA ILE A 82 20.75 -12.49 33.81
C ILE A 82 22.20 -12.34 34.28
N GLN A 83 22.95 -13.43 34.19
CA GLN A 83 24.33 -13.45 34.64
C GLN A 83 25.22 -12.50 33.82
N GLU A 84 24.96 -12.41 32.52
CA GLU A 84 25.74 -11.55 31.64
C GLU A 84 25.56 -10.07 31.98
N THR A 85 24.31 -9.65 32.20
CA THR A 85 24.01 -8.25 32.47
C THR A 85 24.27 -7.92 33.93
N LYS A 86 23.57 -8.60 34.83
CA LYS A 86 23.74 -8.38 36.26
C LYS A 86 25.06 -8.96 36.76
N GLY A 87 25.10 -10.27 36.98
CA GLY A 87 26.30 -10.93 37.46
C GLY A 87 26.03 -11.80 38.68
N GLY A 88 27.11 -12.29 39.29
CA GLY A 88 27.00 -13.15 40.44
C GLY A 88 26.76 -14.61 40.06
N ALA A 89 26.34 -15.41 41.03
CA ALA A 89 26.04 -16.81 40.79
C ALA A 89 24.78 -16.98 39.94
N ALA A 90 24.57 -18.19 39.44
CA ALA A 90 23.39 -18.52 38.64
C ALA A 90 22.11 -18.45 39.47
N ASN A 91 21.04 -17.96 38.87
CA ASN A 91 19.76 -17.84 39.57
C ASN A 91 18.63 -18.52 38.80
N ARG A 92 18.54 -19.85 38.90
CA ARG A 92 17.53 -20.60 38.17
C ARG A 92 16.11 -20.22 38.56
N LYS A 93 15.93 -19.81 39.81
CA LYS A 93 14.61 -19.42 40.29
C LYS A 93 14.12 -18.14 39.60
N LEU A 94 15.01 -17.17 39.47
CA LEU A 94 14.66 -15.90 38.85
C LEU A 94 14.46 -16.09 37.35
N ALA A 95 15.20 -17.04 36.78
CA ALA A 95 15.07 -17.35 35.37
C ALA A 95 13.76 -18.08 35.13
N GLU A 96 13.40 -18.94 36.08
CA GLU A 96 12.15 -19.69 35.99
C GLU A 96 10.97 -18.72 36.06
N GLU A 97 11.07 -17.75 36.97
CA GLU A 97 10.03 -16.73 37.09
C GLU A 97 9.89 -15.92 35.82
N CYS A 98 11.01 -15.38 35.32
CA CYS A 98 10.99 -14.53 34.13
C CYS A 98 10.38 -15.23 32.92
N TYR A 99 10.77 -16.49 32.71
CA TYR A 99 10.32 -17.24 31.53
C TYR A 99 8.84 -17.50 31.55
N PHE A 100 8.33 -18.02 32.67
CA PHE A 100 6.93 -18.37 32.78
C PHE A 100 6.02 -17.14 32.80
N LEU A 101 6.54 -16.03 33.33
CA LEU A 101 5.82 -14.77 33.24
C LEU A 101 5.75 -14.33 31.79
N TRP A 102 6.88 -14.44 31.09
CA TRP A 102 6.94 -14.14 29.66
C TRP A 102 6.05 -15.06 28.84
N LYS A 103 6.07 -16.35 29.18
CA LYS A 103 5.29 -17.35 28.44
C LYS A 103 3.78 -17.19 28.68
N SER A 104 3.39 -17.10 29.94
CA SER A 104 1.97 -17.00 30.28
C SER A 104 1.34 -15.74 29.70
N THR A 105 2.13 -14.67 29.65
CA THR A 105 1.65 -13.39 29.14
C THR A 105 1.36 -13.44 27.64
N ARG A 106 2.32 -13.93 26.86
CA ARG A 106 2.19 -13.96 25.40
C ARG A 106 1.07 -14.88 24.94
N LEU A 107 0.91 -16.02 25.59
CA LEU A 107 -0.11 -16.99 25.23
C LEU A 107 -1.53 -16.46 25.44
N GLN A 108 -1.73 -15.63 26.46
CA GLN A 108 -3.04 -15.04 26.67
C GLN A 108 -3.35 -13.94 25.66
N HIS A 109 -2.32 -13.37 25.05
CA HIS A 109 -2.55 -12.35 24.03
C HIS A 109 -2.55 -12.92 22.63
N MET A 110 -2.31 -14.22 22.52
CA MET A 110 -2.44 -14.89 21.24
C MET A 110 -3.88 -15.31 21.02
N THR A 111 -4.62 -14.50 20.28
CA THR A 111 -6.00 -14.78 19.96
C THR A 111 -6.30 -14.42 18.52
N LEU A 112 -7.29 -15.07 17.93
CA LEU A 112 -7.77 -14.71 16.60
C LEU A 112 -8.75 -13.55 16.72
N ALA A 113 -8.52 -12.49 15.96
CA ALA A 113 -9.45 -11.36 15.96
C ALA A 113 -10.81 -11.82 15.43
N GLU A 114 -11.86 -11.14 15.86
CA GLU A 114 -13.21 -11.53 15.51
C GLU A 114 -13.44 -11.51 14.00
N ASP A 115 -12.95 -10.45 13.35
CA ASP A 115 -13.08 -10.34 11.90
C ASP A 115 -12.19 -11.34 11.16
N VAL A 116 -11.09 -11.75 11.80
CA VAL A 116 -10.25 -12.82 11.25
C VAL A 116 -10.99 -14.15 11.28
N LYS A 117 -11.62 -14.45 12.42
CA LYS A 117 -12.44 -15.65 12.53
C LYS A 117 -13.53 -15.64 11.48
N ALA A 118 -14.19 -14.50 11.32
CA ALA A 118 -15.30 -14.38 10.37
C ALA A 118 -14.82 -14.56 8.93
N MET A 119 -13.56 -14.19 8.69
CA MET A 119 -12.99 -14.36 7.36
C MET A 119 -12.69 -15.82 7.07
N LEU A 120 -12.07 -16.50 8.04
CA LEU A 120 -11.71 -17.91 7.88
C LEU A 120 -12.93 -18.78 7.71
N THR A 121 -14.00 -18.46 8.44
CA THR A 121 -15.24 -19.22 8.42
C THR A 121 -15.89 -19.17 7.04
N GLU A 122 -15.97 -17.99 6.46
CA GLU A 122 -16.63 -17.78 5.18
C GLU A 122 -15.76 -18.28 4.03
N LEU A 123 -14.49 -18.50 4.31
CA LEU A 123 -13.54 -18.89 3.29
C LEU A 123 -13.50 -20.41 3.09
N ARG A 124 -13.62 -21.16 4.19
CA ARG A 124 -13.50 -22.61 4.12
C ARG A 124 -14.69 -23.27 3.44
N LYS A 125 -15.73 -22.50 3.15
CA LYS A 125 -16.87 -23.03 2.41
C LYS A 125 -16.75 -22.76 0.92
N GLU A 126 -15.53 -22.43 0.47
CA GLU A 126 -15.26 -22.23 -0.95
C GLU A 126 -13.97 -22.94 -1.33
N VAL A 127 -13.03 -22.98 -0.39
CA VAL A 127 -11.79 -23.71 -0.57
C VAL A 127 -11.45 -24.43 0.72
N ARG A 128 -10.48 -25.33 0.66
CA ARG A 128 -10.01 -25.99 1.87
C ARG A 128 -8.91 -25.14 2.52
N LEU A 129 -8.83 -25.22 3.85
CA LEU A 129 -7.88 -24.40 4.58
C LEU A 129 -6.89 -25.28 5.34
N LEU A 130 -5.62 -24.89 5.29
CA LEU A 130 -4.61 -25.59 6.05
C LEU A 130 -3.76 -24.61 6.85
N LEU A 131 -3.34 -25.02 8.04
CA LEU A 131 -2.48 -24.21 8.87
C LEU A 131 -1.06 -24.75 8.84
N LEU A 132 -0.15 -23.99 8.24
CA LEU A 132 1.22 -24.41 8.07
C LEU A 132 2.19 -23.50 8.82
N THR A 133 2.75 -24.01 9.90
CA THR A 133 3.57 -23.22 10.79
C THR A 133 4.85 -23.95 11.18
N ASN A 134 5.96 -23.23 11.17
CA ASN A 134 7.24 -23.77 11.62
C ASN A 134 7.34 -23.68 13.12
N GLY A 135 8.37 -24.29 13.68
CA GLY A 135 8.57 -24.25 15.12
C GLY A 135 8.44 -25.60 15.76
N ASP A 136 8.88 -25.69 17.02
CA ASP A 136 8.85 -26.96 17.73
C ASP A 136 7.43 -27.33 18.15
N ARG A 137 7.18 -28.63 18.27
CA ARG A 137 5.87 -29.17 18.60
C ARG A 137 5.26 -28.53 19.85
N GLN A 138 6.01 -28.58 20.94
CA GLN A 138 5.58 -28.04 22.23
C GLN A 138 5.10 -26.59 22.12
N THR A 139 5.98 -25.71 21.64
CA THR A 139 5.70 -24.28 21.59
C THR A 139 4.53 -23.91 20.67
N GLN A 140 4.51 -24.48 19.48
CA GLN A 140 3.49 -24.15 18.48
C GLN A 140 2.10 -24.68 18.85
N ARG A 141 2.04 -25.95 19.26
CA ARG A 141 0.77 -26.54 19.69
C ARG A 141 0.12 -25.73 20.81
N GLU A 142 0.94 -25.23 21.74
CA GLU A 142 0.43 -24.37 22.81
C GLU A 142 -0.21 -23.11 22.25
N LYS A 143 0.38 -22.54 21.22
CA LYS A 143 -0.17 -21.35 20.59
C LYS A 143 -1.50 -21.66 19.91
N ILE A 144 -1.52 -22.78 19.20
CA ILE A 144 -2.72 -23.27 18.54
C ILE A 144 -3.87 -23.38 19.53
N GLU A 145 -3.60 -24.01 20.67
CA GLU A 145 -4.59 -24.13 21.73
C GLU A 145 -4.95 -22.76 22.33
N ALA A 146 -3.96 -21.88 22.44
CA ALA A 146 -4.18 -20.56 23.05
C ALA A 146 -5.15 -19.69 22.26
N CYS A 147 -5.14 -19.84 20.94
CA CYS A 147 -5.99 -19.03 20.08
C CYS A 147 -7.11 -19.86 19.49
N ALA A 148 -7.13 -21.15 19.83
CA ALA A 148 -8.14 -22.10 19.35
C ALA A 148 -8.47 -21.92 17.87
N CYS A 149 -7.48 -22.11 17.02
CA CYS A 149 -7.66 -21.90 15.59
C CYS A 149 -7.89 -23.21 14.83
N GLN A 150 -7.55 -24.33 15.47
CA GLN A 150 -7.63 -25.62 14.82
C GLN A 150 -9.04 -25.93 14.29
N SER A 151 -10.05 -25.44 15.00
CA SER A 151 -11.44 -25.61 14.60
C SER A 151 -11.73 -24.94 13.25
N TYR A 152 -10.89 -23.99 12.87
CA TYR A 152 -11.14 -23.22 11.66
C TYR A 152 -10.54 -23.85 10.40
N PHE A 153 -9.66 -24.84 10.60
CA PHE A 153 -8.91 -25.44 9.50
C PHE A 153 -9.17 -26.92 9.27
N ASP A 154 -9.16 -27.32 8.00
CA ASP A 154 -9.30 -28.73 7.64
C ASP A 154 -8.05 -29.53 8.00
N ALA A 155 -6.97 -28.83 8.34
CA ALA A 155 -5.70 -29.50 8.65
C ALA A 155 -4.69 -28.54 9.29
N VAL A 156 -3.94 -29.03 10.26
CA VAL A 156 -2.87 -28.27 10.88
C VAL A 156 -1.58 -29.05 10.78
N VAL A 157 -0.51 -28.38 10.34
CA VAL A 157 0.79 -29.03 10.21
C VAL A 157 1.89 -28.19 10.85
N VAL A 158 2.53 -28.77 11.87
CA VAL A 158 3.61 -28.10 12.58
C VAL A 158 4.97 -28.63 12.12
N GLY A 159 5.86 -27.72 11.74
CA GLY A 159 7.16 -28.10 11.20
C GLY A 159 8.04 -28.96 12.09
N GLY A 160 8.00 -28.69 13.39
CA GLY A 160 8.80 -29.45 14.33
C GLY A 160 8.38 -30.91 14.41
N GLU A 161 7.11 -31.16 14.11
CA GLU A 161 6.57 -32.52 14.14
C GLU A 161 6.89 -33.24 12.84
N GLN A 162 7.41 -32.49 11.87
CA GLN A 162 7.63 -33.02 10.53
C GLN A 162 9.11 -33.22 10.21
N ARG A 163 9.38 -33.90 9.10
CA ARG A 163 10.74 -34.18 8.67
C ARG A 163 11.50 -32.90 8.32
N GLU A 164 10.82 -31.99 7.64
CA GLU A 164 11.40 -30.69 7.26
C GLU A 164 10.37 -29.58 7.42
N GLU A 165 10.86 -28.35 7.63
CA GLU A 165 9.97 -27.19 7.70
C GLU A 165 10.08 -26.36 6.42
N LYS A 166 9.43 -25.21 6.42
CA LYS A 166 9.59 -24.25 5.35
C LYS A 166 11.00 -23.66 5.41
N PRO A 167 11.57 -23.30 4.25
CA PRO A 167 10.94 -23.33 2.93
C PRO A 167 11.10 -24.65 2.16
N ALA A 168 11.51 -25.73 2.81
CA ALA A 168 11.65 -27.01 2.12
C ALA A 168 10.32 -27.43 1.48
N PRO A 169 10.34 -27.75 0.18
CA PRO A 169 9.12 -28.10 -0.56
C PRO A 169 8.44 -29.38 -0.09
N SER A 170 9.15 -30.25 0.62
CA SER A 170 8.57 -31.53 1.01
C SER A 170 7.37 -31.36 1.94
N ILE A 171 7.50 -30.44 2.90
CA ILE A 171 6.42 -30.18 3.85
C ILE A 171 5.19 -29.60 3.14
N PHE A 172 5.42 -28.91 2.02
CA PHE A 172 4.31 -28.41 1.21
C PHE A 172 3.66 -29.56 0.46
N TYR A 173 4.50 -30.43 -0.10
CA TYR A 173 4.00 -31.61 -0.80
C TYR A 173 3.15 -32.48 0.14
N TYR A 174 3.58 -32.56 1.40
CA TYR A 174 2.83 -33.33 2.40
C TYR A 174 1.44 -32.74 2.66
N CYS A 175 1.40 -31.42 2.81
CA CYS A 175 0.14 -30.71 2.99
C CYS A 175 -0.80 -30.98 1.83
N CYS A 176 -0.25 -30.99 0.63
CA CYS A 176 -1.03 -31.24 -0.57
C CYS A 176 -1.63 -32.65 -0.55
N ASN A 177 -0.81 -33.63 -0.19
CA ASN A 177 -1.28 -35.02 -0.09
C ASN A 177 -2.35 -35.16 0.97
N LEU A 178 -2.17 -34.40 2.05
CA LEU A 178 -3.10 -34.40 3.17
C LEU A 178 -4.50 -34.01 2.71
N LEU A 179 -4.58 -33.04 1.81
CA LEU A 179 -5.87 -32.54 1.34
C LEU A 179 -6.24 -33.15 -0.01
N GLY A 180 -5.43 -34.07 -0.49
CA GLY A 180 -5.61 -34.64 -1.81
C GLY A 180 -5.65 -33.61 -2.92
N VAL A 181 -4.78 -32.61 -2.85
CA VAL A 181 -4.72 -31.58 -3.89
C VAL A 181 -3.34 -31.48 -4.55
N GLN A 182 -3.26 -30.73 -5.63
CA GLN A 182 -1.99 -30.51 -6.33
C GLN A 182 -1.43 -29.14 -5.96
N PRO A 183 -0.10 -29.04 -5.85
CA PRO A 183 0.58 -27.78 -5.54
C PRO A 183 0.05 -26.62 -6.38
N GLY A 184 -0.21 -26.88 -7.66
CA GLY A 184 -0.75 -25.87 -8.56
C GLY A 184 -2.18 -25.43 -8.25
N ASP A 185 -2.77 -26.00 -7.20
CA ASP A 185 -4.11 -25.60 -6.77
C ASP A 185 -4.06 -24.89 -5.43
N CYS A 186 -2.86 -24.62 -4.94
CA CYS A 186 -2.71 -24.06 -3.60
C CYS A 186 -2.08 -22.66 -3.59
N VAL A 187 -2.50 -21.86 -2.61
CA VAL A 187 -1.93 -20.54 -2.38
C VAL A 187 -1.38 -20.50 -0.95
N MET A 188 -0.16 -19.99 -0.81
CA MET A 188 0.48 -19.89 0.50
C MET A 188 0.43 -18.45 1.00
N VAL A 189 -0.05 -18.27 2.22
CA VAL A 189 -0.16 -16.94 2.82
C VAL A 189 0.64 -16.85 4.10
N GLY A 190 1.58 -15.91 4.13
CA GLY A 190 2.48 -15.74 5.25
C GLY A 190 3.19 -14.41 5.19
N ASP A 191 3.95 -14.11 6.25
CA ASP A 191 4.52 -12.79 6.42
C ASP A 191 6.04 -12.82 6.37
N THR A 192 6.61 -14.01 6.19
CA THR A 192 8.05 -14.14 6.08
C THR A 192 8.45 -14.59 4.69
N LEU A 193 9.32 -13.83 4.04
CA LEU A 193 9.80 -14.15 2.71
C LEU A 193 10.64 -15.42 2.72
N GLU A 194 11.51 -15.53 3.71
CA GLU A 194 12.50 -16.61 3.76
C GLU A 194 11.91 -18.00 3.95
N THR A 195 10.66 -18.06 4.38
CA THR A 195 10.01 -19.34 4.68
C THR A 195 8.71 -19.50 3.88
N ASP A 196 7.70 -18.72 4.24
CA ASP A 196 6.39 -18.81 3.60
C ASP A 196 6.45 -18.59 2.09
N ILE A 197 7.16 -17.54 1.67
CA ILE A 197 7.22 -17.16 0.26
C ILE A 197 8.20 -18.03 -0.53
N GLN A 198 9.41 -18.18 0.01
CA GLN A 198 10.41 -19.03 -0.60
C GLN A 198 9.87 -20.44 -0.76
N GLY A 199 9.23 -20.94 0.30
CA GLY A 199 8.65 -22.27 0.30
C GLY A 199 7.59 -22.46 -0.76
N GLY A 200 6.74 -21.46 -0.91
CA GLY A 200 5.68 -21.50 -1.91
C GLY A 200 6.26 -21.54 -3.32
N LEU A 201 7.33 -20.79 -3.54
CA LEU A 201 8.00 -20.78 -4.84
C LEU A 201 8.69 -22.11 -5.10
N ASN A 202 9.35 -22.63 -4.06
CA ASN A 202 10.05 -23.91 -4.17
C ASN A 202 9.13 -25.06 -4.53
N ALA A 203 7.89 -25.01 -4.05
CA ALA A 203 6.95 -26.11 -4.21
C ALA A 203 5.94 -25.88 -5.33
N GLY A 204 6.18 -24.85 -6.13
CA GLY A 204 5.40 -24.61 -7.32
C GLY A 204 3.93 -24.34 -7.10
N LEU A 205 3.59 -23.76 -5.96
CA LEU A 205 2.21 -23.44 -5.65
C LEU A 205 1.69 -22.36 -6.61
N LYS A 206 0.37 -22.34 -6.79
CA LYS A 206 -0.29 -21.43 -7.74
C LYS A 206 0.04 -19.96 -7.48
N ALA A 207 0.09 -19.59 -6.21
CA ALA A 207 0.38 -18.20 -5.84
C ALA A 207 0.93 -18.11 -4.43
N THR A 208 1.72 -17.06 -4.18
CA THR A 208 2.20 -16.78 -2.85
C THR A 208 1.78 -15.37 -2.48
N VAL A 209 1.31 -15.21 -1.25
CA VAL A 209 0.85 -13.91 -0.78
C VAL A 209 1.65 -13.49 0.44
N TRP A 210 2.32 -12.35 0.32
CA TRP A 210 3.14 -11.83 1.39
C TRP A 210 2.35 -10.86 2.25
N ILE A 211 2.43 -11.04 3.57
CA ILE A 211 1.80 -10.13 4.50
C ILE A 211 2.83 -9.13 5.00
N ASN A 212 2.64 -7.87 4.63
CA ASN A 212 3.65 -6.85 4.89
C ASN A 212 3.01 -5.58 5.43
N LYS A 213 2.48 -5.66 6.65
CA LYS A 213 1.74 -4.54 7.23
C LYS A 213 2.63 -3.35 7.57
N ASN A 214 3.90 -3.62 7.86
CA ASN A 214 4.82 -2.56 8.26
C ASN A 214 5.43 -1.84 7.07
N GLY A 215 5.22 -2.38 5.88
CA GLY A 215 5.64 -1.74 4.66
C GLY A 215 7.12 -1.89 4.36
N ILE A 216 7.67 -3.06 4.64
CA ILE A 216 9.06 -3.33 4.33
C ILE A 216 9.28 -3.21 2.82
N VAL A 217 10.43 -2.65 2.43
CA VAL A 217 10.84 -2.70 1.04
C VAL A 217 11.95 -3.74 0.90
N PRO A 218 11.63 -4.89 0.31
CA PRO A 218 12.59 -5.99 0.33
C PRO A 218 13.78 -5.80 -0.62
N LEU A 219 14.91 -6.41 -0.25
CA LEU A 219 16.09 -6.43 -1.09
C LEU A 219 15.78 -7.09 -2.44
N LYS A 220 16.55 -6.73 -3.47
CA LYS A 220 16.36 -7.30 -4.79
C LYS A 220 16.66 -8.80 -4.82
N SER A 221 17.52 -9.23 -3.90
CA SER A 221 17.93 -10.64 -3.84
C SER A 221 17.00 -11.51 -3.02
N SER A 222 16.01 -10.89 -2.37
CA SER A 222 15.02 -11.60 -1.58
C SER A 222 13.89 -12.15 -2.46
N PRO A 223 13.28 -13.27 -2.03
CA PRO A 223 12.16 -13.92 -2.73
C PRO A 223 11.07 -12.94 -3.11
N VAL A 224 10.51 -13.08 -4.29
CA VAL A 224 9.44 -12.20 -4.75
C VAL A 224 8.10 -12.91 -4.76
N PRO A 225 7.15 -12.44 -3.94
CA PRO A 225 5.81 -13.02 -3.87
C PRO A 225 5.01 -12.70 -5.12
N HIS A 226 3.89 -13.39 -5.32
CA HIS A 226 3.01 -13.06 -6.44
C HIS A 226 2.13 -11.87 -6.07
N TYR A 227 1.82 -11.75 -4.78
CA TYR A 227 0.95 -10.69 -4.29
C TYR A 227 1.49 -10.11 -2.98
N MET A 228 1.21 -8.83 -2.75
CA MET A 228 1.61 -8.20 -1.49
C MET A 228 0.48 -7.39 -0.86
N VAL A 229 0.09 -7.77 0.35
CA VAL A 229 -0.96 -7.07 1.07
C VAL A 229 -0.52 -6.84 2.51
N SER A 230 -1.26 -6.00 3.22
CA SER A 230 -0.90 -5.66 4.59
C SER A 230 -1.70 -6.47 5.63
N SER A 231 -2.79 -7.07 5.21
CA SER A 231 -3.62 -7.85 6.13
C SER A 231 -4.21 -9.10 5.52
N VAL A 232 -4.41 -10.11 6.35
CA VAL A 232 -4.99 -11.37 5.93
C VAL A 232 -6.47 -11.20 5.60
N LEU A 233 -7.03 -10.05 5.95
CA LEU A 233 -8.43 -9.75 5.64
C LEU A 233 -8.62 -9.40 4.16
N GLU A 234 -7.52 -9.28 3.42
CA GLU A 234 -7.61 -8.91 2.01
C GLU A 234 -7.60 -10.12 1.09
N LEU A 235 -7.45 -11.31 1.66
CA LEU A 235 -7.43 -12.55 0.89
C LEU A 235 -8.70 -12.89 0.10
N PRO A 236 -9.89 -12.83 0.74
CA PRO A 236 -11.09 -13.21 -0.01
C PRO A 236 -11.22 -12.49 -1.35
N ALA A 237 -11.01 -11.18 -1.37
CA ALA A 237 -11.05 -10.41 -2.60
C ALA A 237 -9.90 -10.82 -3.52
N LEU A 238 -8.74 -11.04 -2.92
CA LEU A 238 -7.55 -11.48 -3.65
C LEU A 238 -7.75 -12.86 -4.27
N LEU A 239 -8.23 -13.81 -3.46
CA LEU A 239 -8.45 -15.17 -3.95
C LEU A 239 -9.54 -15.22 -5.00
N GLN A 240 -10.47 -14.27 -4.92
CA GLN A 240 -11.55 -14.22 -5.89
C GLN A 240 -11.05 -13.66 -7.23
N SER A 241 -9.94 -12.94 -7.19
CA SER A 241 -9.37 -12.35 -8.40
C SER A 241 -8.44 -13.32 -9.10
N ILE A 242 -7.92 -14.30 -8.35
CA ILE A 242 -7.14 -15.39 -8.94
C ILE A 242 -8.10 -16.40 -9.55
N ASP A 243 -9.40 -16.16 -9.35
CA ASP A 243 -10.50 -17.00 -9.85
C ASP A 243 -10.65 -18.29 -9.04
N CYS A 244 -11.71 -18.35 -8.23
CA CYS A 244 -12.00 -19.51 -7.39
C CYS A 244 -13.49 -19.85 -7.37
N SER B 6 20.43 -4.31 19.28
CA SER B 6 20.56 -2.87 19.15
C SER B 6 19.21 -2.20 18.97
N ARG B 7 18.76 -1.51 20.01
CA ARG B 7 17.49 -0.78 19.96
C ARG B 7 17.65 0.59 19.31
N VAL B 8 16.54 1.17 18.88
CA VAL B 8 16.52 2.54 18.38
C VAL B 8 16.54 3.49 19.57
N ARG B 9 17.33 4.56 19.47
CA ARG B 9 17.41 5.53 20.57
C ARG B 9 16.90 6.90 20.12
N ALA B 10 16.84 7.12 18.82
CA ALA B 10 16.37 8.40 18.29
C ALA B 10 15.64 8.24 16.96
N VAL B 11 14.64 9.08 16.74
CA VAL B 11 13.91 9.08 15.49
C VAL B 11 13.86 10.50 14.91
N PHE B 12 14.28 10.64 13.66
CA PHE B 12 14.35 11.94 13.01
C PHE B 12 13.15 12.12 12.10
N PHE B 13 12.55 13.32 12.14
CA PHE B 13 11.35 13.61 11.36
C PHE B 13 11.55 14.79 10.41
N ASP B 14 11.10 14.63 9.17
CA ASP B 14 10.99 15.76 8.24
C ASP B 14 9.76 16.54 8.66
N LEU B 15 9.74 17.83 8.35
CA LEU B 15 8.59 18.67 8.67
C LEU B 15 7.64 18.77 7.48
N ASP B 16 8.07 19.46 6.44
CA ASP B 16 7.23 19.73 5.27
C ASP B 16 6.74 18.45 4.59
N ASN B 17 5.42 18.40 4.37
CA ASN B 17 4.75 17.25 3.75
C ASN B 17 5.00 15.92 4.47
N THR B 18 5.27 16.00 5.78
CA THR B 18 5.51 14.80 6.57
C THR B 18 4.74 14.88 7.88
N LEU B 19 4.85 16.02 8.56
CA LEU B 19 4.09 16.26 9.78
C LEU B 19 3.03 17.34 9.57
N ILE B 20 3.26 18.21 8.58
CA ILE B 20 2.31 19.28 8.27
C ILE B 20 2.02 19.32 6.78
N ASP B 21 0.79 19.69 6.42
CA ASP B 21 0.39 19.73 5.02
C ASP B 21 0.86 21.02 4.37
N THR B 22 2.17 21.15 4.19
CA THR B 22 2.77 22.35 3.61
C THR B 22 2.24 22.64 2.21
N ALA B 23 2.14 21.59 1.39
CA ALA B 23 1.60 21.73 0.05
C ALA B 23 0.15 22.20 0.09
N GLY B 24 -0.63 21.65 1.02
CA GLY B 24 -2.02 22.02 1.18
C GLY B 24 -2.16 23.43 1.73
N ALA B 25 -1.32 23.77 2.70
CA ALA B 25 -1.34 25.09 3.32
C ALA B 25 -0.91 26.18 2.35
N SER B 26 -0.03 25.84 1.41
CA SER B 26 0.38 26.78 0.38
C SER B 26 -0.72 26.99 -0.64
N ARG B 27 -1.49 25.94 -0.92
CA ARG B 27 -2.62 26.03 -1.83
C ARG B 27 -3.63 27.05 -1.31
N ARG B 28 -4.04 26.88 -0.06
CA ARG B 28 -4.96 27.80 0.60
C ARG B 28 -4.31 29.16 0.81
N GLY B 29 -2.98 29.17 0.89
CA GLY B 29 -2.24 30.41 1.05
C GLY B 29 -2.30 31.27 -0.20
N MET B 30 -2.54 30.64 -1.35
CA MET B 30 -2.62 31.35 -2.61
C MET B 30 -4.06 31.63 -3.04
N LEU B 31 -4.97 30.73 -2.67
CA LEU B 31 -6.38 30.92 -2.96
C LEU B 31 -6.92 32.17 -2.26
N GLU B 32 -6.31 32.52 -1.13
CA GLU B 32 -6.66 33.74 -0.42
C GLU B 32 -6.14 34.97 -1.17
N VAL B 33 -4.94 34.84 -1.73
CA VAL B 33 -4.37 35.90 -2.54
C VAL B 33 -5.19 36.06 -3.82
N ILE B 34 -5.62 34.93 -4.39
CA ILE B 34 -6.55 34.95 -5.51
C ILE B 34 -7.85 35.61 -5.07
N LYS B 35 -8.31 35.25 -3.88
CA LYS B 35 -9.52 35.84 -3.30
C LYS B 35 -9.34 37.34 -3.03
N LEU B 36 -8.13 37.73 -2.64
CA LEU B 36 -7.83 39.13 -2.34
C LEU B 36 -7.85 40.02 -3.58
N LEU B 37 -7.20 39.57 -4.65
CA LEU B 37 -7.09 40.36 -5.86
C LEU B 37 -8.40 40.43 -6.63
N GLN B 38 -9.24 39.40 -6.47
CA GLN B 38 -10.50 39.32 -7.19
C GLN B 38 -11.66 39.97 -6.41
N SER B 39 -11.34 40.69 -5.35
CA SER B 39 -12.36 41.33 -4.53
C SER B 39 -11.99 42.73 -4.06
N LYS B 40 -10.76 42.88 -3.57
CA LYS B 40 -10.29 44.17 -3.08
C LYS B 40 -9.87 45.09 -4.22
N TYR B 41 -9.22 44.51 -5.23
CA TYR B 41 -8.72 45.28 -6.36
C TYR B 41 -9.42 44.89 -7.66
N HIS B 42 -10.39 43.98 -7.54
CA HIS B 42 -11.26 43.58 -8.65
C HIS B 42 -10.50 43.08 -9.89
N TYR B 43 -9.56 42.17 -9.68
CA TYR B 43 -8.88 41.51 -10.79
C TYR B 43 -9.73 40.36 -11.31
N LYS B 44 -9.62 40.09 -12.61
CA LYS B 44 -10.39 39.01 -13.23
C LYS B 44 -9.78 37.65 -12.92
N GLU B 45 -9.73 36.79 -13.94
CA GLU B 45 -9.12 35.47 -13.79
C GLU B 45 -7.61 35.56 -14.02
N GLU B 46 -7.13 36.79 -14.26
CA GLU B 46 -5.71 37.04 -14.48
C GLU B 46 -4.95 37.17 -13.17
N ALA B 47 -5.68 37.14 -12.06
CA ALA B 47 -5.07 37.14 -10.74
C ALA B 47 -4.54 35.75 -10.42
N GLU B 48 -5.21 34.74 -10.96
CA GLU B 48 -4.78 33.35 -10.81
C GLU B 48 -3.50 33.10 -11.61
N ILE B 49 -3.34 33.82 -12.71
CA ILE B 49 -2.16 33.70 -13.57
C ILE B 49 -0.89 34.09 -12.82
N ILE B 50 -0.96 35.19 -12.08
CA ILE B 50 0.20 35.73 -11.37
C ILE B 50 0.74 34.77 -10.32
N CYS B 51 -0.16 34.00 -9.70
CA CYS B 51 0.24 33.05 -8.66
C CYS B 51 0.94 31.84 -9.25
N ASP B 52 0.57 31.47 -10.46
CA ASP B 52 1.20 30.35 -11.16
C ASP B 52 2.61 30.72 -11.61
N LYS B 53 2.87 32.02 -11.72
CA LYS B 53 4.19 32.50 -12.10
C LYS B 53 5.09 32.55 -10.88
N VAL B 54 4.52 32.88 -9.73
CA VAL B 54 5.26 32.94 -8.48
C VAL B 54 5.65 31.54 -7.99
N GLN B 55 4.74 30.58 -8.17
CA GLN B 55 5.00 29.20 -7.77
C GLN B 55 6.17 28.62 -8.54
N VAL B 56 6.24 28.95 -9.82
CA VAL B 56 7.35 28.53 -10.66
C VAL B 56 8.60 29.33 -10.31
N LYS B 57 8.39 30.56 -9.85
CA LYS B 57 9.50 31.42 -9.45
C LYS B 57 10.11 30.91 -8.14
N LEU B 58 9.32 30.21 -7.34
CA LEU B 58 9.80 29.60 -6.12
C LEU B 58 10.58 28.32 -6.45
N SER B 59 10.58 27.94 -7.72
CA SER B 59 11.29 26.76 -8.18
C SER B 59 12.67 27.13 -8.73
N LYS B 60 12.88 28.41 -9.02
CA LYS B 60 14.20 28.90 -9.42
C LYS B 60 15.13 28.75 -8.23
N GLU B 61 14.71 29.29 -7.09
CA GLU B 61 15.32 29.01 -5.81
C GLU B 61 14.85 27.61 -5.42
N CYS B 62 15.53 26.94 -4.48
CA CYS B 62 16.67 27.50 -3.75
C CYS B 62 17.88 26.57 -3.82
N PHE B 63 19.02 27.07 -3.38
CA PHE B 63 20.27 26.35 -3.60
C PHE B 63 21.02 25.96 -2.32
N HIS B 64 20.78 26.68 -1.22
CA HIS B 64 21.54 26.53 0.03
C HIS B 64 23.01 26.92 -0.18
N PRO B 65 23.64 27.57 0.83
CA PRO B 65 23.28 27.89 2.22
C PRO B 65 22.26 29.01 2.41
N TYR B 66 21.65 29.48 1.32
CA TYR B 66 20.67 30.56 1.38
C TYR B 66 21.27 31.87 1.90
N ASN B 67 20.63 32.99 1.53
CA ASN B 67 21.01 34.31 2.01
C ASN B 67 19.95 35.29 1.52
N THR B 68 20.38 36.26 0.72
CA THR B 68 19.49 37.09 -0.08
C THR B 68 18.37 37.83 0.69
N CYS B 69 18.33 37.68 2.01
CA CYS B 69 17.22 38.17 2.82
C CYS B 69 15.90 37.69 2.22
N ILE B 70 15.52 36.47 2.57
CA ILE B 70 14.43 35.74 1.88
C ILE B 70 13.13 36.53 1.73
N THR B 71 12.89 37.48 2.64
CA THR B 71 11.73 38.33 2.52
C THR B 71 11.89 39.26 1.31
N ASP B 72 13.10 39.80 1.14
CA ASP B 72 13.39 40.74 0.06
C ASP B 72 13.56 40.05 -1.29
N LEU B 73 13.42 38.73 -1.31
CA LEU B 73 13.54 37.96 -2.55
C LEU B 73 12.19 37.36 -2.94
N ARG B 74 11.48 36.85 -1.95
CA ARG B 74 10.18 36.21 -2.18
C ARG B 74 9.14 37.25 -2.54
N THR B 75 9.28 38.44 -1.97
CA THR B 75 8.43 39.57 -2.32
C THR B 75 8.75 40.05 -3.74
N SER B 76 10.03 39.97 -4.10
CA SER B 76 10.48 40.36 -5.43
C SER B 76 9.89 39.45 -6.50
N HIS B 77 9.56 38.24 -6.10
CA HIS B 77 8.91 37.29 -7.00
C HIS B 77 7.52 37.77 -7.36
N TRP B 78 6.78 38.24 -6.36
CA TRP B 78 5.46 38.81 -6.58
C TRP B 78 5.55 40.07 -7.43
N GLU B 79 6.59 40.86 -7.18
CA GLU B 79 6.83 42.10 -7.91
C GLU B 79 7.20 41.79 -9.36
N GLU B 80 7.82 40.64 -9.58
CA GLU B 80 8.24 40.23 -10.92
C GLU B 80 7.15 39.42 -11.61
N ALA B 81 6.16 38.97 -10.86
CA ALA B 81 5.06 38.20 -11.40
C ALA B 81 3.84 39.07 -11.65
N ILE B 82 3.81 40.22 -10.98
CA ILE B 82 2.72 41.17 -11.16
C ILE B 82 2.93 42.00 -12.41
N GLN B 83 4.18 42.41 -12.64
CA GLN B 83 4.53 43.22 -13.80
C GLN B 83 4.69 42.37 -15.06
N GLU B 84 4.75 41.05 -14.88
CA GLU B 84 4.89 40.14 -16.01
C GLU B 84 3.54 39.79 -16.60
N THR B 85 2.48 40.17 -15.90
CA THR B 85 1.12 39.88 -16.35
C THR B 85 0.43 41.14 -16.87
N LYS B 86 0.46 42.21 -16.08
CA LYS B 86 -0.20 43.46 -16.47
C LYS B 86 0.68 44.28 -17.40
N GLY B 87 1.99 44.17 -17.24
CA GLY B 87 2.92 44.92 -18.07
C GLY B 87 3.04 46.38 -17.66
N GLY B 88 2.60 46.68 -16.45
CA GLY B 88 2.66 48.04 -15.94
C GLY B 88 3.94 48.32 -15.18
N ALA B 89 3.86 49.18 -14.17
CA ALA B 89 5.02 49.52 -13.36
C ALA B 89 5.25 48.49 -12.27
N ALA B 90 6.35 48.64 -11.53
CA ALA B 90 6.68 47.74 -10.44
C ALA B 90 5.94 48.12 -9.17
N ASN B 91 4.99 47.28 -8.75
CA ASN B 91 4.19 47.54 -7.56
C ASN B 91 4.81 46.91 -6.32
N ARG B 92 5.49 47.74 -5.52
CA ARG B 92 6.15 47.26 -4.30
C ARG B 92 5.18 47.22 -3.12
N LYS B 93 4.08 47.94 -3.23
CA LYS B 93 3.06 47.95 -2.20
C LYS B 93 2.17 46.71 -2.29
N LEU B 94 2.04 46.17 -3.50
CA LEU B 94 1.26 44.96 -3.73
C LEU B 94 2.08 43.71 -3.42
N ALA B 95 3.39 43.82 -3.62
CA ALA B 95 4.30 42.71 -3.32
C ALA B 95 4.33 42.42 -1.82
N GLU B 96 4.52 43.47 -1.03
CA GLU B 96 4.57 43.35 0.42
C GLU B 96 3.22 42.91 0.99
N GLU B 97 2.15 43.22 0.27
CA GLU B 97 0.79 42.89 0.72
C GLU B 97 0.42 41.45 0.38
N CYS B 98 0.67 41.05 -0.88
CA CYS B 98 0.31 39.72 -1.33
C CYS B 98 1.19 38.63 -0.70
N TYR B 99 2.48 38.93 -0.51
CA TYR B 99 3.38 37.96 0.08
C TYR B 99 3.04 37.65 1.53
N PHE B 100 2.94 38.69 2.36
CA PHE B 100 2.65 38.50 3.78
C PHE B 100 1.25 37.92 3.99
N LEU B 101 0.34 38.15 3.05
CA LEU B 101 -0.98 37.53 3.09
C LEU B 101 -0.85 36.03 2.80
N TRP B 102 -0.06 35.70 1.79
CA TRP B 102 0.24 34.32 1.45
C TRP B 102 1.02 33.65 2.58
N LYS B 103 1.91 34.41 3.20
CA LYS B 103 2.76 33.91 4.29
C LYS B 103 1.96 33.63 5.57
N SER B 104 1.15 34.60 6.00
CA SER B 104 0.39 34.44 7.23
C SER B 104 -0.71 33.39 7.13
N THR B 105 -1.22 33.17 5.92
CA THR B 105 -2.27 32.18 5.72
C THR B 105 -1.73 30.76 5.80
N ARG B 106 -0.68 30.48 5.03
CA ARG B 106 -0.10 29.14 5.01
C ARG B 106 0.46 28.74 6.38
N LEU B 107 1.04 29.71 7.09
CA LEU B 107 1.55 29.45 8.44
C LEU B 107 0.41 29.13 9.41
N GLN B 108 -0.77 29.68 9.13
CA GLN B 108 -1.93 29.42 9.96
C GLN B 108 -2.39 27.99 9.78
N HIS B 109 -2.46 27.55 8.52
CA HIS B 109 -2.93 26.22 8.19
C HIS B 109 -1.88 25.14 8.46
N MET B 110 -0.65 25.56 8.70
CA MET B 110 0.39 24.62 9.09
C MET B 110 0.29 24.29 10.57
N THR B 111 -0.38 23.19 10.88
CA THR B 111 -0.54 22.73 12.24
C THR B 111 -0.47 21.19 12.27
N LEU B 112 -0.15 20.65 13.44
CA LEU B 112 -0.08 19.19 13.60
C LEU B 112 -1.47 18.61 13.87
N ALA B 113 -1.80 17.53 13.18
CA ALA B 113 -3.05 16.82 13.43
C ALA B 113 -3.01 16.22 14.83
N GLU B 114 -4.17 16.20 15.50
CA GLU B 114 -4.25 15.73 16.88
C GLU B 114 -3.80 14.27 17.01
N ASP B 115 -3.97 13.51 15.93
CA ASP B 115 -3.49 12.14 15.86
C ASP B 115 -1.97 12.11 15.99
N VAL B 116 -1.31 12.89 15.13
CA VAL B 116 0.15 12.99 15.12
C VAL B 116 0.73 13.43 16.46
N LYS B 117 0.11 14.45 17.05
CA LYS B 117 0.56 14.96 18.35
C LYS B 117 0.54 13.87 19.40
N ALA B 118 -0.47 13.01 19.35
CA ALA B 118 -0.56 11.89 20.27
C ALA B 118 0.54 10.89 19.97
N MET B 119 0.72 10.58 18.68
CA MET B 119 1.76 9.66 18.25
C MET B 119 3.12 10.12 18.73
N LEU B 120 3.41 11.40 18.56
CA LEU B 120 4.70 11.96 18.99
C LEU B 120 4.83 11.87 20.51
N THR B 121 3.78 12.27 21.22
CA THR B 121 3.82 12.34 22.67
C THR B 121 4.09 10.98 23.30
N GLU B 122 3.54 9.92 22.71
CA GLU B 122 3.77 8.57 23.19
C GLU B 122 5.17 8.10 22.80
N LEU B 123 5.56 8.40 21.56
CA LEU B 123 6.85 8.00 21.04
C LEU B 123 8.00 8.56 21.87
N ARG B 124 7.84 9.78 22.37
CA ARG B 124 8.88 10.44 23.15
C ARG B 124 9.20 9.68 24.44
N LYS B 125 8.24 8.88 24.91
CA LYS B 125 8.43 8.10 26.12
C LYS B 125 9.41 6.94 25.91
N GLU B 126 9.60 6.55 24.65
CA GLU B 126 10.49 5.44 24.31
C GLU B 126 11.83 5.90 23.76
N VAL B 127 11.79 6.80 22.78
CA VAL B 127 13.02 7.28 22.13
C VAL B 127 13.05 8.80 22.03
N ARG B 128 14.25 9.35 21.86
CA ARG B 128 14.42 10.79 21.66
C ARG B 128 13.95 11.17 20.27
N LEU B 129 13.32 12.33 20.15
CA LEU B 129 12.78 12.79 18.87
C LEU B 129 13.52 14.04 18.40
N LEU B 130 13.93 14.04 17.13
CA LEU B 130 14.62 15.18 16.55
C LEU B 130 13.95 15.59 15.26
N LEU B 131 13.77 16.89 15.06
CA LEU B 131 13.18 17.40 13.83
C LEU B 131 14.29 17.95 12.92
N LEU B 132 14.35 17.41 11.71
CA LEU B 132 15.36 17.81 10.74
C LEU B 132 14.67 18.27 9.47
N THR B 133 14.75 19.56 9.19
CA THR B 133 14.05 20.14 8.05
C THR B 133 15.01 20.95 7.17
N ASN B 134 14.77 20.92 5.86
CA ASN B 134 15.57 21.70 4.92
C ASN B 134 14.88 23.03 4.62
N GLY B 135 15.65 23.99 4.09
CA GLY B 135 15.10 25.28 3.71
C GLY B 135 15.81 26.42 4.41
N ASP B 136 15.49 27.65 4.00
CA ASP B 136 16.11 28.84 4.59
C ASP B 136 15.73 28.98 6.07
N ARG B 137 16.70 29.42 6.87
CA ARG B 137 16.56 29.46 8.32
C ARG B 137 15.33 30.23 8.81
N GLN B 138 15.03 31.37 8.20
CA GLN B 138 13.92 32.19 8.67
C GLN B 138 12.58 31.50 8.45
N THR B 139 12.29 31.16 7.20
CA THR B 139 11.00 30.56 6.83
C THR B 139 10.68 29.28 7.61
N GLN B 140 11.68 28.43 7.79
CA GLN B 140 11.48 27.19 8.55
C GLN B 140 11.18 27.46 10.02
N ARG B 141 11.94 28.37 10.63
CA ARG B 141 11.72 28.74 12.02
C ARG B 141 10.32 29.33 12.22
N GLU B 142 9.81 29.96 11.17
CA GLU B 142 8.45 30.50 11.19
C GLU B 142 7.43 29.38 11.07
N LYS B 143 7.76 28.36 10.29
CA LYS B 143 6.88 27.19 10.15
C LYS B 143 6.79 26.42 11.46
N ILE B 144 7.91 26.34 12.16
CA ILE B 144 8.01 25.61 13.42
C ILE B 144 7.16 26.25 14.52
N GLU B 145 7.26 27.57 14.63
CA GLU B 145 6.53 28.30 15.65
C GLU B 145 5.02 28.37 15.33
N ALA B 146 4.68 28.35 14.05
CA ALA B 146 3.29 28.42 13.63
C ALA B 146 2.53 27.11 13.85
N CYS B 147 3.27 26.01 14.04
CA CYS B 147 2.64 24.72 14.30
C CYS B 147 2.94 24.22 15.70
N ALA B 148 3.78 24.98 16.42
CA ALA B 148 4.11 24.70 17.81
C ALA B 148 4.64 23.29 18.04
N CYS B 149 5.28 22.74 17.02
CA CYS B 149 5.83 21.39 17.10
C CYS B 149 7.10 21.40 17.95
N GLN B 150 7.60 22.59 18.24
CA GLN B 150 8.85 22.75 18.98
C GLN B 150 8.78 22.08 20.34
N SER B 151 7.57 21.97 20.87
CA SER B 151 7.36 21.43 22.20
C SER B 151 7.40 19.90 22.20
N TYR B 152 7.30 19.31 21.02
CA TYR B 152 7.20 17.86 20.88
C TYR B 152 8.55 17.21 20.57
N PHE B 153 9.58 18.03 20.34
CA PHE B 153 10.89 17.50 19.97
C PHE B 153 11.98 17.91 20.95
N ASP B 154 12.88 16.97 21.23
CA ASP B 154 14.00 17.22 22.12
C ASP B 154 15.04 18.12 21.45
N ALA B 155 14.99 18.19 20.13
CA ALA B 155 15.95 18.98 19.37
C ALA B 155 15.42 19.27 17.96
N VAL B 156 15.70 20.48 17.47
CA VAL B 156 15.28 20.86 16.13
C VAL B 156 16.46 21.39 15.31
N VAL B 157 16.69 20.81 14.14
CA VAL B 157 17.79 21.22 13.28
C VAL B 157 17.29 21.68 11.91
N VAL B 158 17.64 22.92 11.54
CA VAL B 158 17.27 23.48 10.25
C VAL B 158 18.50 23.58 9.35
N GLY B 159 18.36 23.17 8.10
CA GLY B 159 19.46 23.13 7.16
C GLY B 159 20.08 24.49 6.88
N GLY B 160 19.22 25.50 6.74
CA GLY B 160 19.66 26.86 6.51
C GLY B 160 20.59 27.41 7.58
N GLU B 161 20.63 26.76 8.74
CA GLU B 161 21.49 27.20 9.82
C GLU B 161 22.79 26.40 9.86
N GLN B 162 22.88 25.39 9.01
CA GLN B 162 24.03 24.51 9.02
C GLN B 162 24.88 24.67 7.76
N ARG B 163 26.07 24.11 7.80
CA ARG B 163 26.99 24.18 6.67
C ARG B 163 26.38 23.49 5.45
N GLU B 164 25.71 22.36 5.69
CA GLU B 164 25.05 21.61 4.62
C GLU B 164 23.67 21.13 5.02
N GLU B 165 22.81 20.93 4.02
CA GLU B 165 21.48 20.37 4.22
C GLU B 165 21.50 18.86 3.94
N LYS B 166 20.31 18.28 3.83
CA LYS B 166 20.16 16.91 3.36
C LYS B 166 20.24 16.93 1.84
N PRO B 167 20.70 15.83 1.22
CA PRO B 167 21.05 14.52 1.80
C PRO B 167 22.51 14.43 2.26
N ALA B 168 23.14 15.56 2.55
CA ALA B 168 24.53 15.53 2.99
C ALA B 168 24.64 14.93 4.39
N PRO B 169 25.51 13.92 4.55
CA PRO B 169 25.64 13.18 5.80
C PRO B 169 26.20 13.99 6.96
N SER B 170 26.70 15.19 6.71
CA SER B 170 27.27 16.01 7.79
C SER B 170 26.18 16.55 8.71
N ILE B 171 24.99 16.78 8.16
CA ILE B 171 23.91 17.34 8.96
C ILE B 171 23.35 16.27 9.90
N PHE B 172 23.42 15.01 9.46
CA PHE B 172 22.97 13.91 10.29
C PHE B 172 23.94 13.65 11.45
N TYR B 173 25.23 13.60 11.14
CA TYR B 173 26.26 13.43 12.18
C TYR B 173 26.17 14.53 13.23
N TYR B 174 25.75 15.72 12.81
CA TYR B 174 25.51 16.81 13.74
C TYR B 174 24.31 16.50 14.64
N CYS B 175 23.25 16.01 14.03
CA CYS B 175 22.05 15.62 14.76
C CYS B 175 22.34 14.53 15.79
N CYS B 176 23.17 13.55 15.41
CA CYS B 176 23.54 12.47 16.32
C CYS B 176 24.38 12.95 17.51
N ASN B 177 25.36 13.81 17.25
CA ASN B 177 26.19 14.34 18.32
C ASN B 177 25.39 15.21 19.27
N LEU B 178 24.36 15.85 18.73
CA LEU B 178 23.50 16.73 19.51
C LEU B 178 22.70 15.95 20.55
N LEU B 179 22.31 14.73 20.21
CA LEU B 179 21.52 13.88 21.10
C LEU B 179 22.39 12.89 21.87
N GLY B 180 23.67 12.82 21.52
CA GLY B 180 24.59 11.90 22.18
C GLY B 180 24.39 10.47 21.76
N VAL B 181 23.69 10.28 20.64
CA VAL B 181 23.45 8.95 20.11
C VAL B 181 24.26 8.71 18.84
N GLN B 182 24.39 7.44 18.47
CA GLN B 182 25.10 7.05 17.26
C GLN B 182 24.14 6.94 16.09
N PRO B 183 24.63 7.13 14.86
CA PRO B 183 23.84 6.99 13.64
C PRO B 183 23.14 5.62 13.54
N GLY B 184 23.77 4.59 14.07
CA GLY B 184 23.22 3.25 14.03
C GLY B 184 22.00 3.08 14.92
N ASP B 185 21.76 4.05 15.79
CA ASP B 185 20.60 4.03 16.69
C ASP B 185 19.50 4.97 16.23
N CYS B 186 19.66 5.56 15.05
CA CYS B 186 18.71 6.56 14.58
C CYS B 186 17.89 6.09 13.38
N VAL B 187 16.72 6.67 13.21
CA VAL B 187 15.83 6.34 12.11
C VAL B 187 15.35 7.64 11.48
N MET B 188 15.32 7.69 10.15
CA MET B 188 14.92 8.90 9.45
C MET B 188 13.57 8.70 8.77
N VAL B 189 12.68 9.65 8.99
CA VAL B 189 11.34 9.58 8.44
C VAL B 189 11.06 10.81 7.59
N GLY B 190 10.60 10.59 6.36
CA GLY B 190 10.32 11.70 5.47
C GLY B 190 9.69 11.28 4.16
N ASP B 191 9.08 12.25 3.49
CA ASP B 191 8.35 11.98 2.25
C ASP B 191 9.20 12.20 0.99
N THR B 192 10.44 12.64 1.16
CA THR B 192 11.28 12.98 0.01
C THR B 192 12.47 12.05 -0.17
N LEU B 193 12.55 11.42 -1.34
CA LEU B 193 13.61 10.45 -1.63
C LEU B 193 14.99 11.08 -1.76
N GLU B 194 15.04 12.25 -2.39
CA GLU B 194 16.32 12.88 -2.68
C GLU B 194 16.98 13.48 -1.43
N THR B 195 16.16 13.82 -0.44
CA THR B 195 16.69 14.44 0.77
C THR B 195 16.66 13.51 1.97
N ASP B 196 15.45 13.23 2.47
CA ASP B 196 15.26 12.41 3.67
C ASP B 196 15.89 11.03 3.55
N ILE B 197 15.44 10.26 2.56
CA ILE B 197 15.88 8.89 2.39
C ILE B 197 17.35 8.80 2.02
N GLN B 198 17.76 9.53 0.98
CA GLN B 198 19.14 9.52 0.53
C GLN B 198 20.10 9.93 1.65
N GLY B 199 19.69 10.92 2.44
CA GLY B 199 20.49 11.38 3.56
C GLY B 199 20.71 10.32 4.63
N GLY B 200 19.63 9.61 4.96
CA GLY B 200 19.72 8.53 5.94
C GLY B 200 20.65 7.44 5.46
N LEU B 201 20.51 7.06 4.19
CA LEU B 201 21.40 6.07 3.59
C LEU B 201 22.86 6.51 3.64
N ASN B 202 23.14 7.73 3.20
CA ASN B 202 24.51 8.25 3.25
C ASN B 202 25.08 8.22 4.66
N ALA B 203 24.29 8.67 5.62
CA ALA B 203 24.74 8.76 7.01
C ALA B 203 24.86 7.38 7.66
N GLY B 204 24.26 6.38 7.02
CA GLY B 204 24.32 5.02 7.53
C GLY B 204 23.46 4.83 8.76
N LEU B 205 22.24 5.37 8.71
CA LEU B 205 21.30 5.23 9.82
C LEU B 205 20.76 3.80 9.87
N LYS B 206 20.15 3.44 10.99
CA LYS B 206 19.63 2.09 11.18
C LYS B 206 18.55 1.80 10.15
N ALA B 207 17.70 2.79 9.87
CA ALA B 207 16.64 2.63 8.89
C ALA B 207 16.07 3.97 8.39
N THR B 208 15.55 3.94 7.17
CA THR B 208 14.90 5.09 6.58
C THR B 208 13.45 4.75 6.26
N VAL B 209 12.56 5.69 6.54
CA VAL B 209 11.13 5.47 6.33
C VAL B 209 10.56 6.51 5.38
N TRP B 210 10.16 6.07 4.19
CA TRP B 210 9.62 6.97 3.18
C TRP B 210 8.10 7.09 3.31
N ILE B 211 7.65 8.30 3.62
CA ILE B 211 6.21 8.58 3.67
C ILE B 211 5.70 8.79 2.25
N ASN B 212 5.18 7.74 1.64
CA ASN B 212 4.65 7.82 0.29
C ASN B 212 3.14 7.77 0.29
N LYS B 213 2.52 8.92 0.53
CA LYS B 213 1.07 9.00 0.74
C LYS B 213 0.25 8.70 -0.53
N ASN B 214 0.71 9.21 -1.66
CA ASN B 214 -0.05 9.10 -2.90
C ASN B 214 0.31 7.88 -3.75
N GLY B 215 1.17 7.03 -3.22
CA GLY B 215 1.56 5.82 -3.90
C GLY B 215 2.35 6.08 -5.18
N ILE B 216 3.42 6.85 -5.06
CA ILE B 216 4.30 7.09 -6.19
C ILE B 216 5.11 5.84 -6.47
N VAL B 217 5.23 5.47 -7.74
CA VAL B 217 6.15 4.40 -8.11
C VAL B 217 7.46 5.04 -8.55
N PRO B 218 8.50 4.92 -7.69
CA PRO B 218 9.78 5.59 -7.96
C PRO B 218 10.56 4.93 -9.09
N LEU B 219 11.49 5.68 -9.67
CA LEU B 219 12.36 5.16 -10.71
C LEU B 219 13.34 4.16 -10.13
N LYS B 220 13.80 3.25 -10.98
CA LYS B 220 14.74 2.21 -10.59
C LYS B 220 16.08 2.77 -10.11
N SER B 221 16.38 4.00 -10.49
CA SER B 221 17.65 4.63 -10.14
C SER B 221 17.53 5.45 -8.86
N SER B 222 16.31 5.75 -8.46
CA SER B 222 16.06 6.53 -7.26
C SER B 222 16.58 5.79 -6.01
N PRO B 223 16.71 6.50 -4.88
CA PRO B 223 17.11 5.85 -3.64
C PRO B 223 16.04 4.90 -3.12
N VAL B 224 16.46 3.83 -2.46
CA VAL B 224 15.52 2.82 -1.97
C VAL B 224 15.47 2.82 -0.44
N PRO B 225 14.31 3.21 0.10
CA PRO B 225 14.11 3.27 1.56
C PRO B 225 14.05 1.89 2.17
N HIS B 226 14.24 1.81 3.47
CA HIS B 226 14.09 0.55 4.19
C HIS B 226 12.61 0.20 4.35
N TYR B 227 11.79 1.23 4.48
CA TYR B 227 10.36 1.03 4.69
C TYR B 227 9.54 2.07 3.92
N MET B 228 8.44 1.64 3.33
CA MET B 228 7.54 2.57 2.66
C MET B 228 6.13 2.49 3.24
N VAL B 229 5.67 3.60 3.80
CA VAL B 229 4.34 3.70 4.37
C VAL B 229 3.63 4.93 3.82
N SER B 230 2.33 5.02 4.06
CA SER B 230 1.52 6.09 3.50
C SER B 230 1.21 7.17 4.53
N SER B 231 1.47 6.88 5.79
CA SER B 231 1.21 7.83 6.86
C SER B 231 2.21 7.67 7.99
N VAL B 232 2.45 8.76 8.70
CA VAL B 232 3.37 8.75 9.82
C VAL B 232 2.74 8.07 11.05
N LEU B 233 1.42 7.87 11.02
CA LEU B 233 0.71 7.21 12.11
C LEU B 233 1.14 5.76 12.27
N GLU B 234 1.68 5.18 11.20
CA GLU B 234 2.11 3.79 11.21
C GLU B 234 3.47 3.61 11.87
N LEU B 235 4.10 4.72 12.24
CA LEU B 235 5.45 4.71 12.81
C LEU B 235 5.66 3.86 14.07
N PRO B 236 4.83 4.05 15.13
CA PRO B 236 5.06 3.28 16.35
C PRO B 236 5.08 1.78 16.10
N ALA B 237 4.10 1.29 15.34
CA ALA B 237 4.03 -0.11 14.97
C ALA B 237 5.27 -0.49 14.18
N LEU B 238 5.72 0.43 13.33
CA LEU B 238 6.86 0.21 12.46
C LEU B 238 8.16 0.05 13.25
N LEU B 239 8.38 0.94 14.21
CA LEU B 239 9.58 0.89 15.03
C LEU B 239 9.63 -0.39 15.86
N GLN B 240 8.46 -0.85 16.33
CA GLN B 240 8.41 -2.07 17.12
C GLN B 240 8.79 -3.30 16.29
N SER B 241 8.52 -3.25 15.00
CA SER B 241 8.85 -4.37 14.11
C SER B 241 10.36 -4.53 13.89
N ILE B 242 11.09 -3.41 13.91
CA ILE B 242 12.55 -3.48 13.75
C ILE B 242 13.22 -3.82 15.09
N ASP B 243 12.39 -4.20 16.06
CA ASP B 243 12.83 -4.58 17.39
C ASP B 243 13.45 -3.40 18.16
N CYS B 244 12.70 -2.32 18.27
CA CYS B 244 13.06 -1.20 19.14
C CYS B 244 12.37 -1.31 20.50
N LYS B 245 11.38 -0.45 20.72
CA LYS B 245 10.66 -0.40 21.99
C LYS B 245 9.74 -1.61 22.15
N SER C 6 1.87 21.27 -15.26
CA SER C 6 0.89 22.32 -14.95
C SER C 6 0.03 22.65 -16.17
N ARG C 7 -1.24 22.22 -16.15
CA ARG C 7 -1.80 21.46 -15.05
C ARG C 7 -2.74 20.39 -15.59
N VAL C 8 -3.25 19.54 -14.70
CA VAL C 8 -4.21 18.51 -15.10
C VAL C 8 -5.56 19.15 -15.38
N ARG C 9 -6.09 18.89 -16.57
CA ARG C 9 -7.37 19.46 -16.97
C ARG C 9 -8.39 18.38 -17.30
N ALA C 10 -7.91 17.16 -17.50
CA ALA C 10 -8.79 16.04 -17.79
C ALA C 10 -8.27 14.73 -17.21
N VAL C 11 -9.20 13.84 -16.86
CA VAL C 11 -8.84 12.53 -16.33
C VAL C 11 -9.58 11.42 -17.09
N PHE C 12 -8.84 10.47 -17.64
CA PHE C 12 -9.43 9.38 -18.40
C PHE C 12 -9.62 8.17 -17.49
N PHE C 13 -10.83 7.62 -17.49
CA PHE C 13 -11.17 6.51 -16.61
C PHE C 13 -11.47 5.20 -17.35
N ASP C 14 -10.94 4.11 -16.83
CA ASP C 14 -11.31 2.78 -17.33
C ASP C 14 -12.63 2.42 -16.69
N LEU C 15 -13.42 1.61 -17.37
CA LEU C 15 -14.71 1.20 -16.83
C LEU C 15 -14.59 -0.16 -16.14
N ASP C 16 -14.12 -1.15 -16.87
CA ASP C 16 -14.05 -2.52 -16.35
C ASP C 16 -12.98 -2.70 -15.29
N ASN C 17 -13.40 -3.18 -14.12
CA ASN C 17 -12.52 -3.39 -12.97
C ASN C 17 -11.87 -2.12 -12.45
N THR C 18 -12.47 -0.97 -12.75
CA THR C 18 -11.97 0.30 -12.25
C THR C 18 -13.10 1.08 -11.59
N LEU C 19 -14.25 1.14 -12.26
CA LEU C 19 -15.41 1.83 -11.71
C LEU C 19 -16.54 0.84 -11.41
N ILE C 20 -16.53 -0.29 -12.09
CA ILE C 20 -17.49 -1.36 -11.84
C ILE C 20 -16.77 -2.70 -11.70
N ASP C 21 -17.29 -3.57 -10.83
CA ASP C 21 -16.69 -4.87 -10.60
C ASP C 21 -17.06 -5.87 -11.70
N THR C 22 -16.44 -5.72 -12.86
CA THR C 22 -16.74 -6.57 -14.00
C THR C 22 -16.40 -8.03 -13.72
N ALA C 23 -15.28 -8.27 -13.05
CA ALA C 23 -14.83 -9.63 -12.76
C ALA C 23 -15.82 -10.38 -11.86
N GLY C 24 -16.28 -9.72 -10.81
CA GLY C 24 -17.17 -10.34 -9.85
C GLY C 24 -18.57 -10.53 -10.40
N ALA C 25 -18.96 -9.64 -11.30
CA ALA C 25 -20.29 -9.68 -11.91
C ALA C 25 -20.35 -10.69 -13.03
N SER C 26 -19.27 -10.80 -13.81
CA SER C 26 -19.20 -11.78 -14.88
C SER C 26 -19.13 -13.19 -14.30
N ARG C 27 -18.48 -13.30 -13.14
CA ARG C 27 -18.39 -14.59 -12.45
C ARG C 27 -19.73 -14.90 -11.78
N ARG C 28 -20.45 -13.86 -11.38
CA ARG C 28 -21.77 -14.02 -10.79
C ARG C 28 -22.78 -14.41 -11.86
N GLY C 29 -22.48 -14.04 -13.11
CA GLY C 29 -23.33 -14.39 -14.23
C GLY C 29 -23.01 -15.77 -14.77
N MET C 30 -21.91 -16.35 -14.29
CA MET C 30 -21.52 -17.69 -14.66
C MET C 30 -22.19 -18.71 -13.75
N LEU C 31 -22.28 -18.37 -12.46
CA LEU C 31 -22.89 -19.27 -11.48
C LEU C 31 -24.40 -19.36 -11.68
N GLU C 32 -24.98 -18.33 -12.29
CA GLU C 32 -26.39 -18.34 -12.64
C GLU C 32 -26.64 -19.30 -13.79
N VAL C 33 -25.65 -19.40 -14.67
CA VAL C 33 -25.69 -20.39 -15.75
C VAL C 33 -25.52 -21.78 -15.16
N ILE C 34 -24.68 -21.87 -14.14
CA ILE C 34 -24.50 -23.12 -13.40
C ILE C 34 -25.80 -23.49 -12.69
N LYS C 35 -26.45 -22.49 -12.10
CA LYS C 35 -27.72 -22.70 -11.42
C LYS C 35 -28.82 -23.06 -12.41
N LEU C 36 -28.68 -22.59 -13.65
CA LEU C 36 -29.66 -22.86 -14.68
C LEU C 36 -29.43 -24.23 -15.35
N LEU C 37 -28.17 -24.55 -15.62
CA LEU C 37 -27.86 -25.81 -16.29
C LEU C 37 -28.14 -27.03 -15.43
N GLN C 38 -28.11 -26.86 -14.12
CA GLN C 38 -28.28 -27.97 -13.19
C GLN C 38 -29.69 -28.06 -12.62
N SER C 39 -30.44 -26.98 -12.71
CA SER C 39 -31.81 -26.94 -12.18
C SER C 39 -32.85 -26.78 -13.28
N LYS C 40 -32.49 -27.15 -14.51
CA LYS C 40 -33.40 -27.08 -15.64
C LYS C 40 -32.97 -28.08 -16.71
N TYR C 41 -31.76 -28.60 -16.58
CA TYR C 41 -31.25 -29.61 -17.50
C TYR C 41 -30.49 -30.70 -16.73
N HIS C 42 -30.30 -30.46 -15.44
CA HIS C 42 -29.68 -31.41 -14.48
C HIS C 42 -28.49 -32.23 -14.97
N TYR C 43 -27.28 -31.73 -14.75
CA TYR C 43 -26.09 -32.53 -14.92
C TYR C 43 -25.58 -32.95 -13.55
N LYS C 44 -24.38 -33.53 -13.51
CA LYS C 44 -23.75 -33.86 -12.24
C LYS C 44 -23.04 -32.62 -11.70
N GLU C 45 -21.88 -32.83 -11.08
CA GLU C 45 -21.06 -31.72 -10.64
C GLU C 45 -20.06 -31.34 -11.73
N GLU C 46 -20.52 -31.44 -12.98
CA GLU C 46 -19.68 -31.18 -14.13
C GLU C 46 -20.22 -30.02 -14.98
N ALA C 47 -20.97 -29.14 -14.34
CA ALA C 47 -21.52 -27.97 -15.02
C ALA C 47 -20.44 -26.90 -15.19
N GLU C 48 -19.41 -26.98 -14.37
CA GLU C 48 -18.29 -26.03 -14.45
C GLU C 48 -17.44 -26.29 -15.69
N ILE C 49 -17.44 -27.53 -16.16
CA ILE C 49 -16.70 -27.89 -17.36
C ILE C 49 -17.34 -27.26 -18.60
N ILE C 50 -18.66 -27.12 -18.56
CA ILE C 50 -19.39 -26.43 -19.63
C ILE C 50 -18.96 -24.97 -19.67
N CYS C 51 -18.76 -24.38 -18.50
CA CYS C 51 -18.17 -23.04 -18.41
C CYS C 51 -16.66 -23.17 -18.48
N ASP C 52 -15.93 -22.21 -17.91
CA ASP C 52 -14.47 -22.21 -17.93
C ASP C 52 -13.90 -22.29 -19.35
N LYS C 53 -14.22 -23.35 -20.07
CA LYS C 53 -13.85 -23.48 -21.48
C LYS C 53 -14.46 -22.34 -22.30
N VAL C 54 -15.58 -21.81 -21.82
CA VAL C 54 -16.20 -20.64 -22.45
C VAL C 54 -15.47 -19.38 -22.00
N GLN C 55 -15.06 -19.36 -20.73
CA GLN C 55 -14.35 -18.22 -20.18
C GLN C 55 -12.95 -18.12 -20.80
N VAL C 56 -12.33 -19.27 -21.06
CA VAL C 56 -11.01 -19.28 -21.69
C VAL C 56 -11.15 -18.94 -23.17
N LYS C 57 -12.36 -19.08 -23.70
CA LYS C 57 -12.64 -18.73 -25.08
C LYS C 57 -12.92 -17.25 -25.21
N LEU C 58 -13.28 -16.62 -24.11
CA LEU C 58 -13.54 -15.18 -24.08
C LEU C 58 -12.24 -14.39 -24.14
N SER C 59 -11.12 -15.09 -24.02
CA SER C 59 -9.81 -14.47 -24.10
C SER C 59 -9.35 -14.35 -25.54
N LYS C 60 -9.93 -15.19 -26.41
CA LYS C 60 -9.56 -15.18 -27.83
C LYS C 60 -10.59 -14.43 -28.67
N GLU C 61 -10.42 -13.12 -28.77
CA GLU C 61 -11.28 -12.28 -29.62
C GLU C 61 -10.46 -11.71 -30.77
N CYS C 62 -9.32 -11.09 -30.42
CA CYS C 62 -8.29 -10.69 -31.38
C CYS C 62 -8.66 -9.58 -32.38
N PHE C 63 -9.45 -9.93 -33.40
CA PHE C 63 -9.61 -9.10 -34.61
C PHE C 63 -9.79 -7.57 -34.45
N HIS C 64 -10.82 -7.09 -33.74
CA HIS C 64 -11.89 -7.89 -33.12
C HIS C 64 -13.29 -7.37 -33.48
N PRO C 65 -13.52 -6.04 -33.40
CA PRO C 65 -14.85 -5.57 -33.80
C PRO C 65 -14.94 -5.28 -35.30
N TYR C 66 -14.30 -6.11 -36.12
CA TYR C 66 -14.33 -5.92 -37.57
C TYR C 66 -15.68 -6.31 -38.15
N ASN C 67 -16.68 -5.47 -37.92
CA ASN C 67 -18.05 -5.71 -38.38
C ASN C 67 -18.60 -7.07 -37.93
N THR C 68 -18.46 -7.36 -36.64
CA THR C 68 -18.89 -8.64 -36.09
C THR C 68 -20.11 -8.49 -35.20
N CYS C 69 -20.94 -9.52 -35.16
CA CYS C 69 -22.09 -9.54 -34.28
C CYS C 69 -21.73 -10.31 -33.01
N ILE C 70 -21.84 -9.65 -31.86
CA ILE C 70 -21.43 -10.23 -30.59
C ILE C 70 -22.34 -11.36 -30.15
N THR C 71 -23.65 -11.16 -30.36
CA THR C 71 -24.64 -12.16 -29.97
C THR C 71 -24.50 -13.44 -30.78
N ASP C 72 -23.73 -13.37 -31.87
CA ASP C 72 -23.49 -14.52 -32.72
C ASP C 72 -22.27 -15.33 -32.26
N LEU C 73 -21.13 -14.64 -32.16
CA LEU C 73 -19.88 -15.29 -31.79
C LEU C 73 -19.89 -15.84 -30.37
N ARG C 74 -20.34 -15.01 -29.43
CA ARG C 74 -20.38 -15.40 -28.02
C ARG C 74 -21.34 -16.55 -27.77
N THR C 75 -22.33 -16.69 -28.65
CA THR C 75 -23.29 -17.79 -28.55
C THR C 75 -22.63 -19.10 -28.97
N SER C 76 -21.78 -19.03 -29.99
CA SER C 76 -21.07 -20.20 -30.50
C SER C 76 -20.10 -20.76 -29.47
N HIS C 77 -19.62 -19.90 -28.58
CA HIS C 77 -18.70 -20.32 -27.52
C HIS C 77 -19.38 -21.31 -26.59
N TRP C 78 -20.60 -21.00 -26.17
CA TRP C 78 -21.38 -21.90 -25.33
C TRP C 78 -21.77 -23.14 -26.13
N GLU C 79 -21.95 -22.96 -27.43
CA GLU C 79 -22.29 -24.06 -28.32
C GLU C 79 -21.10 -24.98 -28.50
N GLU C 80 -19.92 -24.39 -28.67
CA GLU C 80 -18.69 -25.15 -28.85
C GLU C 80 -18.14 -25.70 -27.55
N ALA C 81 -18.85 -25.42 -26.46
CA ALA C 81 -18.46 -25.91 -25.14
C ALA C 81 -19.27 -27.14 -24.77
N ILE C 82 -20.55 -27.12 -25.12
CA ILE C 82 -21.44 -28.24 -24.85
C ILE C 82 -21.11 -29.41 -25.77
N GLN C 83 -20.89 -29.12 -27.05
CA GLN C 83 -20.56 -30.15 -28.03
C GLN C 83 -19.18 -30.75 -27.76
N GLU C 84 -18.36 -30.02 -27.01
CA GLU C 84 -17.04 -30.49 -26.64
C GLU C 84 -17.09 -31.33 -25.38
N THR C 85 -17.92 -30.90 -24.43
CA THR C 85 -18.05 -31.59 -23.15
C THR C 85 -19.07 -32.71 -23.22
N LYS C 86 -20.34 -32.35 -23.26
CA LYS C 86 -21.44 -33.33 -23.31
C LYS C 86 -21.47 -34.09 -24.62
N GLY C 87 -21.07 -33.43 -25.70
CA GLY C 87 -21.06 -34.04 -27.01
C GLY C 87 -22.45 -34.23 -27.59
N GLY C 88 -22.56 -35.16 -28.55
CA GLY C 88 -23.82 -35.44 -29.18
C GLY C 88 -24.29 -34.33 -30.09
N ALA C 89 -25.57 -33.99 -29.99
CA ALA C 89 -26.16 -32.94 -30.82
C ALA C 89 -25.71 -31.56 -30.37
N ALA C 90 -25.34 -30.72 -31.34
CA ALA C 90 -24.93 -29.36 -31.05
C ALA C 90 -26.14 -28.42 -31.02
N ASN C 91 -26.75 -28.29 -29.85
CA ASN C 91 -27.94 -27.45 -29.69
C ASN C 91 -27.62 -25.96 -29.73
N ARG C 92 -28.14 -25.28 -30.74
CA ARG C 92 -27.92 -23.84 -30.90
C ARG C 92 -28.77 -23.05 -29.93
N LYS C 93 -29.99 -23.52 -29.69
CA LYS C 93 -30.94 -22.80 -28.85
C LYS C 93 -30.48 -22.66 -27.40
N LEU C 94 -29.89 -23.73 -26.86
CA LEU C 94 -29.40 -23.73 -25.49
C LEU C 94 -28.23 -22.77 -25.32
N ALA C 95 -27.41 -22.65 -26.36
CA ALA C 95 -26.27 -21.76 -26.36
C ALA C 95 -26.72 -20.30 -26.32
N GLU C 96 -27.89 -20.04 -26.89
CA GLU C 96 -28.44 -18.69 -26.89
C GLU C 96 -29.11 -18.38 -25.56
N GLU C 97 -29.56 -19.42 -24.86
CA GLU C 97 -30.21 -19.24 -23.56
C GLU C 97 -29.18 -18.94 -22.49
N CYS C 98 -28.07 -19.65 -22.52
CA CYS C 98 -27.01 -19.48 -21.52
C CYS C 98 -26.34 -18.12 -21.65
N TYR C 99 -26.04 -17.72 -22.88
CA TYR C 99 -25.39 -16.44 -23.13
C TYR C 99 -26.28 -15.26 -22.73
N PHE C 100 -27.57 -15.34 -23.06
CA PHE C 100 -28.50 -14.27 -22.75
C PHE C 100 -28.67 -14.11 -21.24
N LEU C 101 -28.66 -15.24 -20.53
CA LEU C 101 -28.71 -15.23 -19.07
C LEU C 101 -27.42 -14.65 -18.52
N TRP C 102 -26.31 -15.01 -19.16
CA TRP C 102 -25.00 -14.53 -18.76
C TRP C 102 -24.92 -13.01 -18.92
N LYS C 103 -25.36 -12.52 -20.07
CA LYS C 103 -25.33 -11.09 -20.34
C LYS C 103 -26.31 -10.31 -19.45
N SER C 104 -27.40 -10.97 -19.06
CA SER C 104 -28.41 -10.32 -18.24
C SER C 104 -27.94 -10.13 -16.81
N THR C 105 -27.41 -11.20 -16.22
CA THR C 105 -26.94 -11.18 -14.85
C THR C 105 -25.71 -10.29 -14.70
N ARG C 106 -24.86 -10.30 -15.73
CA ARG C 106 -23.63 -9.53 -15.74
C ARG C 106 -23.94 -8.05 -15.56
N LEU C 107 -24.88 -7.53 -16.34
CA LEU C 107 -25.21 -6.11 -16.32
C LEU C 107 -26.02 -5.72 -15.08
N GLN C 108 -26.74 -6.68 -14.52
CA GLN C 108 -27.56 -6.41 -13.33
C GLN C 108 -26.69 -6.12 -12.12
N HIS C 109 -25.55 -6.82 -12.04
CA HIS C 109 -24.64 -6.66 -10.91
C HIS C 109 -23.55 -5.62 -11.18
N MET C 110 -23.61 -4.98 -12.34
CA MET C 110 -22.68 -3.89 -12.66
C MET C 110 -23.19 -2.57 -12.08
N THR C 111 -22.99 -2.40 -10.78
CA THR C 111 -23.48 -1.21 -10.09
C THR C 111 -22.35 -0.23 -9.80
N LEU C 112 -22.59 1.03 -10.11
CA LEU C 112 -21.63 2.07 -9.78
C LEU C 112 -21.73 2.38 -8.29
N ALA C 113 -20.63 2.18 -7.58
CA ALA C 113 -20.61 2.34 -6.13
C ALA C 113 -20.94 3.77 -5.72
N GLU C 114 -21.56 3.90 -4.55
CA GLU C 114 -21.94 5.21 -4.02
C GLU C 114 -20.71 6.03 -3.63
N ASP C 115 -19.64 5.36 -3.26
CA ASP C 115 -18.39 6.03 -2.93
C ASP C 115 -17.86 6.75 -4.17
N VAL C 116 -17.90 6.07 -5.29
CA VAL C 116 -17.37 6.58 -6.54
C VAL C 116 -18.25 7.69 -7.11
N LYS C 117 -19.57 7.53 -6.97
CA LYS C 117 -20.53 8.50 -7.48
C LYS C 117 -20.31 9.90 -6.91
N ALA C 118 -20.18 9.97 -5.58
CA ALA C 118 -19.95 11.25 -4.91
C ALA C 118 -18.59 11.82 -5.30
N MET C 119 -17.63 10.93 -5.50
CA MET C 119 -16.28 11.34 -5.89
C MET C 119 -16.24 11.88 -7.32
N LEU C 120 -17.03 11.26 -8.19
CA LEU C 120 -17.09 11.68 -9.59
C LEU C 120 -17.78 13.04 -9.74
N THR C 121 -18.86 13.22 -9.00
CA THR C 121 -19.65 14.45 -9.08
C THR C 121 -18.93 15.63 -8.43
N GLU C 122 -17.87 15.36 -7.69
CA GLU C 122 -17.10 16.42 -7.03
C GLU C 122 -15.82 16.73 -7.80
N LEU C 123 -15.29 15.73 -8.50
CA LEU C 123 -14.06 15.90 -9.25
C LEU C 123 -14.32 16.60 -10.59
N ARG C 124 -15.58 16.58 -11.02
CA ARG C 124 -15.97 17.19 -12.27
C ARG C 124 -15.86 18.72 -12.19
N LYS C 125 -15.85 19.24 -10.97
CA LYS C 125 -15.73 20.68 -10.76
C LYS C 125 -14.27 21.10 -10.57
N GLU C 126 -13.38 20.47 -11.34
CA GLU C 126 -11.95 20.78 -11.25
C GLU C 126 -11.23 20.37 -12.53
N VAL C 127 -11.66 19.26 -13.12
CA VAL C 127 -11.10 18.77 -14.37
C VAL C 127 -12.19 18.25 -15.29
N ARG C 128 -11.80 17.69 -16.42
CA ARG C 128 -12.74 17.08 -17.35
C ARG C 128 -12.73 15.56 -17.14
N LEU C 129 -13.91 14.96 -17.27
CA LEU C 129 -14.05 13.52 -17.10
C LEU C 129 -14.39 12.82 -18.41
N LEU C 130 -13.87 11.60 -18.57
CA LEU C 130 -14.10 10.83 -19.78
C LEU C 130 -13.95 9.35 -19.51
N LEU C 131 -14.84 8.54 -20.07
CA LEU C 131 -14.76 7.10 -19.92
C LEU C 131 -14.09 6.45 -21.12
N LEU C 132 -12.94 5.82 -20.90
CA LEU C 132 -12.19 5.17 -21.99
C LEU C 132 -12.04 3.68 -21.76
N THR C 133 -12.92 2.89 -22.37
CA THR C 133 -12.95 1.45 -22.15
C THR C 133 -12.69 0.63 -23.41
N ASN C 134 -11.94 -0.45 -23.27
CA ASN C 134 -11.68 -1.36 -24.37
C ASN C 134 -12.82 -2.35 -24.56
N GLY C 135 -12.79 -3.07 -25.67
CA GLY C 135 -13.82 -4.04 -25.98
C GLY C 135 -14.59 -3.65 -27.22
N ASP C 136 -15.54 -4.50 -27.61
CA ASP C 136 -16.34 -4.27 -28.80
C ASP C 136 -17.38 -3.18 -28.58
N ARG C 137 -18.28 -3.03 -29.54
CA ARG C 137 -19.31 -1.99 -29.46
C ARG C 137 -20.49 -2.42 -28.61
N GLN C 138 -21.11 -3.54 -29.00
CA GLN C 138 -22.33 -4.02 -28.34
C GLN C 138 -22.16 -4.32 -26.85
N THR C 139 -21.10 -5.05 -26.51
CA THR C 139 -20.86 -5.46 -25.13
C THR C 139 -20.63 -4.27 -24.20
N GLN C 140 -19.76 -3.36 -24.60
CA GLN C 140 -19.37 -2.23 -23.75
C GLN C 140 -20.47 -1.19 -23.60
N ARG C 141 -21.24 -0.98 -24.67
CA ARG C 141 -22.31 0.01 -24.66
C ARG C 141 -23.43 -0.39 -23.69
N GLU C 142 -23.65 -1.69 -23.56
CA GLU C 142 -24.66 -2.21 -22.65
C GLU C 142 -24.24 -2.00 -21.19
N LYS C 143 -22.93 -1.94 -20.97
CA LYS C 143 -22.39 -1.75 -19.63
C LYS C 143 -22.62 -0.32 -19.14
N ILE C 144 -22.49 0.63 -20.07
CA ILE C 144 -22.69 2.05 -19.75
C ILE C 144 -24.14 2.32 -19.41
N GLU C 145 -25.05 1.68 -20.14
CA GLU C 145 -26.48 1.83 -19.89
C GLU C 145 -26.97 0.78 -18.89
N ALA C 146 -26.16 0.51 -17.89
CA ALA C 146 -26.51 -0.45 -16.85
C ALA C 146 -26.07 0.07 -15.48
N CYS C 147 -25.14 1.02 -15.49
CA CYS C 147 -24.65 1.63 -14.26
C CYS C 147 -24.93 3.13 -14.28
N ALA C 148 -25.43 3.61 -15.42
CA ALA C 148 -25.77 5.01 -15.62
C ALA C 148 -24.59 5.94 -15.32
N CYS C 149 -23.42 5.54 -15.79
CA CYS C 149 -22.21 6.33 -15.54
C CYS C 149 -22.06 7.41 -16.60
N GLN C 150 -22.92 7.37 -17.61
CA GLN C 150 -22.85 8.31 -18.71
C GLN C 150 -23.17 9.73 -18.26
N SER C 151 -23.95 9.85 -17.19
CA SER C 151 -24.37 11.15 -16.68
C SER C 151 -23.29 11.77 -15.77
N TYR C 152 -22.24 11.02 -15.51
CA TYR C 152 -21.16 11.48 -14.65
C TYR C 152 -19.94 11.90 -15.47
N PHE C 153 -19.95 11.58 -16.76
CA PHE C 153 -18.82 11.86 -17.64
C PHE C 153 -19.17 12.89 -18.70
N ASP C 154 -18.19 13.73 -19.03
CA ASP C 154 -18.36 14.72 -20.09
C ASP C 154 -18.45 14.02 -21.44
N ALA C 155 -17.79 12.88 -21.55
CA ALA C 155 -17.78 12.11 -22.78
C ALA C 155 -17.45 10.65 -22.50
N VAL C 156 -17.92 9.76 -23.37
CA VAL C 156 -17.64 8.34 -23.23
C VAL C 156 -17.07 7.80 -24.54
N VAL C 157 -15.96 7.06 -24.44
CA VAL C 157 -15.29 6.55 -25.62
C VAL C 157 -15.15 5.03 -25.57
N VAL C 158 -15.61 4.36 -26.63
CA VAL C 158 -15.51 2.91 -26.72
C VAL C 158 -14.46 2.50 -27.75
N GLY C 159 -13.64 1.51 -27.41
CA GLY C 159 -12.59 1.04 -28.29
C GLY C 159 -13.10 0.30 -29.50
N GLY C 160 -14.28 -0.30 -29.37
CA GLY C 160 -14.90 -1.03 -30.46
C GLY C 160 -15.24 -0.15 -31.65
N GLU C 161 -15.80 1.01 -31.38
CA GLU C 161 -16.14 1.98 -32.42
C GLU C 161 -14.99 2.96 -32.67
N GLN C 162 -13.79 2.43 -32.83
CA GLN C 162 -12.61 3.26 -33.10
C GLN C 162 -11.67 2.60 -34.10
N ARG C 163 -10.81 3.40 -34.71
CA ARG C 163 -9.84 2.90 -35.67
C ARG C 163 -8.86 1.94 -34.99
N GLU C 164 -8.48 2.28 -33.76
CA GLU C 164 -7.59 1.44 -32.98
C GLU C 164 -8.12 1.26 -31.56
N GLU C 165 -7.31 0.66 -30.69
CA GLU C 165 -7.70 0.38 -29.31
C GLU C 165 -6.47 0.35 -28.41
N LYS C 166 -6.67 0.51 -27.11
CA LYS C 166 -5.56 0.51 -26.15
C LYS C 166 -4.74 -0.78 -26.25
N PRO C 167 -3.41 -0.66 -26.13
CA PRO C 167 -2.64 0.54 -25.81
C PRO C 167 -2.15 1.34 -27.02
N ALA C 168 -3.02 1.60 -27.99
CA ALA C 168 -2.62 2.43 -29.14
C ALA C 168 -2.73 3.91 -28.76
N PRO C 169 -1.67 4.68 -29.05
CA PRO C 169 -1.64 6.10 -28.68
C PRO C 169 -2.67 6.93 -29.42
N SER C 170 -3.16 6.44 -30.56
CA SER C 170 -4.10 7.19 -31.38
C SER C 170 -5.48 7.32 -30.72
N ILE C 171 -5.92 6.28 -30.02
CA ILE C 171 -7.23 6.29 -29.39
C ILE C 171 -7.27 7.24 -28.19
N PHE C 172 -6.09 7.54 -27.63
CA PHE C 172 -5.98 8.51 -26.56
C PHE C 172 -6.04 9.92 -27.14
N TYR C 173 -5.61 10.04 -28.39
CA TYR C 173 -5.65 11.32 -29.09
C TYR C 173 -7.07 11.70 -29.45
N TYR C 174 -7.93 10.68 -29.58
CA TYR C 174 -9.33 10.90 -29.87
C TYR C 174 -10.07 11.44 -28.65
N CYS C 175 -9.53 11.14 -27.46
CA CYS C 175 -10.15 11.57 -26.21
C CYS C 175 -9.81 13.01 -25.87
N CYS C 176 -8.54 13.38 -26.03
CA CYS C 176 -8.10 14.74 -25.70
C CYS C 176 -8.44 15.74 -26.79
N ASN C 177 -8.93 15.23 -27.93
CA ASN C 177 -9.37 16.09 -29.03
C ASN C 177 -10.86 16.37 -28.95
N LEU C 178 -11.62 15.40 -28.47
CA LEU C 178 -13.05 15.59 -28.24
C LEU C 178 -13.25 16.67 -27.18
N LEU C 179 -12.32 16.74 -26.24
CA LEU C 179 -12.28 17.82 -25.27
C LEU C 179 -11.29 18.87 -25.76
N GLY C 180 -11.40 20.08 -25.23
CA GLY C 180 -10.50 21.16 -25.63
C GLY C 180 -9.20 21.15 -24.86
N VAL C 181 -8.56 19.99 -24.78
CA VAL C 181 -7.36 19.82 -23.97
C VAL C 181 -6.20 19.21 -24.74
N GLN C 182 -5.12 18.91 -24.03
CA GLN C 182 -3.93 18.29 -24.62
C GLN C 182 -3.55 17.04 -23.83
N PRO C 183 -2.94 16.06 -24.52
CA PRO C 183 -2.55 14.79 -23.87
C PRO C 183 -1.57 15.00 -22.72
N GLY C 184 -0.63 15.92 -22.88
CA GLY C 184 0.34 16.20 -21.84
C GLY C 184 -0.26 16.83 -20.59
N ASP C 185 -1.54 17.14 -20.65
CA ASP C 185 -2.26 17.70 -19.50
C ASP C 185 -3.32 16.73 -18.98
N CYS C 186 -3.25 15.49 -19.43
CA CYS C 186 -4.21 14.46 -19.02
C CYS C 186 -3.54 13.37 -18.19
N VAL C 187 -4.35 12.62 -17.43
CA VAL C 187 -3.86 11.47 -16.68
C VAL C 187 -4.73 10.26 -16.96
N MET C 188 -4.16 9.06 -16.85
CA MET C 188 -4.92 7.84 -17.08
C MET C 188 -5.11 7.04 -15.80
N VAL C 189 -6.34 6.58 -15.58
CA VAL C 189 -6.65 5.75 -14.42
C VAL C 189 -7.25 4.41 -14.86
N GLY C 190 -6.52 3.33 -14.60
CA GLY C 190 -6.97 2.01 -14.97
C GLY C 190 -6.36 0.89 -14.15
N ASP C 191 -6.89 -0.31 -14.32
CA ASP C 191 -6.43 -1.48 -13.57
C ASP C 191 -5.49 -2.36 -14.37
N THR C 192 -5.49 -2.21 -15.69
CA THR C 192 -4.66 -3.05 -16.54
C THR C 192 -3.36 -2.33 -16.93
N LEU C 193 -2.25 -3.06 -16.85
CA LEU C 193 -0.95 -2.50 -17.19
C LEU C 193 -0.72 -2.46 -18.71
N GLU C 194 -1.10 -3.53 -19.40
CA GLU C 194 -0.81 -3.66 -20.83
C GLU C 194 -1.73 -2.82 -21.73
N THR C 195 -2.76 -2.23 -21.15
CA THR C 195 -3.69 -1.40 -21.91
C THR C 195 -3.77 0.02 -21.34
N ASP C 196 -4.34 0.14 -20.14
CA ASP C 196 -4.54 1.44 -19.52
C ASP C 196 -3.23 2.17 -19.23
N ILE C 197 -2.27 1.44 -18.65
CA ILE C 197 -1.01 2.05 -18.25
C ILE C 197 -0.06 2.21 -19.44
N GLN C 198 0.10 1.14 -20.21
CA GLN C 198 0.98 1.14 -21.36
C GLN C 198 0.50 2.16 -22.39
N GLY C 199 -0.81 2.25 -22.55
CA GLY C 199 -1.42 3.19 -23.47
C GLY C 199 -1.13 4.63 -23.10
N GLY C 200 -1.08 4.91 -21.81
CA GLY C 200 -0.79 6.25 -21.33
C GLY C 200 0.68 6.63 -21.50
N LEU C 201 1.50 5.64 -21.83
CA LEU C 201 2.93 5.88 -22.02
C LEU C 201 3.27 6.02 -23.49
N ASN C 202 2.42 5.45 -24.34
CA ASN C 202 2.54 5.63 -25.79
C ASN C 202 2.14 7.04 -26.17
N ALA C 203 1.06 7.53 -25.56
CA ALA C 203 0.65 8.92 -25.71
C ALA C 203 1.04 9.66 -24.44
N GLY C 204 2.18 10.36 -24.48
CA GLY C 204 2.76 10.98 -23.32
C GLY C 204 1.84 11.83 -22.46
N LEU C 205 1.10 11.18 -21.56
CA LEU C 205 0.24 11.89 -20.62
C LEU C 205 1.08 12.40 -19.45
N LYS C 206 0.47 13.24 -18.61
CA LYS C 206 1.16 13.79 -17.45
C LYS C 206 1.62 12.66 -16.54
N ALA C 207 0.71 11.77 -16.18
CA ALA C 207 1.01 10.64 -15.31
C ALA C 207 -0.01 9.51 -15.47
N THR C 208 0.42 8.28 -15.24
CA THR C 208 -0.49 7.13 -15.27
C THR C 208 -0.76 6.58 -13.88
N VAL C 209 -2.03 6.35 -13.56
CA VAL C 209 -2.42 5.82 -12.26
C VAL C 209 -2.93 4.39 -12.35
N TRP C 210 -2.20 3.46 -11.74
CA TRP C 210 -2.57 2.06 -11.74
C TRP C 210 -3.46 1.71 -10.53
N ILE C 211 -4.58 1.07 -10.81
CA ILE C 211 -5.46 0.58 -9.76
C ILE C 211 -5.10 -0.88 -9.44
N ASN C 212 -4.37 -1.07 -8.35
CA ASN C 212 -3.99 -2.42 -7.92
C ASN C 212 -4.63 -2.78 -6.58
N LYS C 213 -5.89 -3.20 -6.64
CA LYS C 213 -6.67 -3.47 -5.43
C LYS C 213 -6.17 -4.69 -4.65
N ASN C 214 -5.84 -5.76 -5.37
CA ASN C 214 -5.45 -7.02 -4.72
C ASN C 214 -3.95 -7.12 -4.41
N GLY C 215 -3.24 -6.02 -4.58
CA GLY C 215 -1.83 -5.96 -4.23
C GLY C 215 -0.94 -6.85 -5.07
N ILE C 216 -1.24 -6.94 -6.36
CA ILE C 216 -0.42 -7.70 -7.30
C ILE C 216 1.00 -7.13 -7.35
N VAL C 217 1.98 -8.02 -7.33
CA VAL C 217 3.36 -7.62 -7.54
C VAL C 217 3.74 -7.94 -8.98
N PRO C 218 3.82 -6.90 -9.83
CA PRO C 218 4.03 -7.08 -11.28
C PRO C 218 5.44 -7.57 -11.59
N LEU C 219 5.59 -8.23 -12.74
CA LEU C 219 6.89 -8.68 -13.19
C LEU C 219 7.79 -7.49 -13.48
N LYS C 220 9.09 -7.67 -13.34
CA LYS C 220 10.06 -6.63 -13.69
C LYS C 220 10.20 -6.58 -15.20
N SER C 221 9.11 -6.23 -15.87
CA SER C 221 9.02 -6.33 -17.33
C SER C 221 7.76 -5.63 -17.78
N SER C 222 6.73 -5.70 -16.95
CA SER C 222 5.45 -5.07 -17.24
C SER C 222 5.60 -3.56 -17.23
N PRO C 223 4.69 -2.85 -17.92
CA PRO C 223 4.67 -1.38 -17.93
C PRO C 223 4.65 -0.78 -16.53
N VAL C 224 5.56 0.16 -16.27
CA VAL C 224 5.63 0.81 -14.96
C VAL C 224 4.82 2.09 -14.92
N PRO C 225 3.81 2.14 -14.05
CA PRO C 225 2.95 3.32 -13.92
C PRO C 225 3.62 4.45 -13.13
N HIS C 226 2.97 5.60 -13.07
CA HIS C 226 3.48 6.73 -12.31
C HIS C 226 2.99 6.66 -10.87
N TYR C 227 1.81 6.10 -10.68
CA TYR C 227 1.21 5.98 -9.36
C TYR C 227 0.46 4.67 -9.21
N MET C 228 0.66 4.00 -8.09
CA MET C 228 -0.06 2.76 -7.78
C MET C 228 -0.94 2.95 -6.54
N VAL C 229 -2.25 2.86 -6.73
CA VAL C 229 -3.19 2.97 -5.62
C VAL C 229 -4.10 1.76 -5.50
N SER C 230 -4.93 1.74 -4.46
CA SER C 230 -5.80 0.61 -4.19
C SER C 230 -7.18 0.78 -4.79
N SER C 231 -7.63 2.02 -4.89
CA SER C 231 -8.95 2.29 -5.45
C SER C 231 -9.03 3.67 -6.07
N VAL C 232 -10.08 3.86 -6.87
CA VAL C 232 -10.35 5.12 -7.54
C VAL C 232 -10.56 6.23 -6.52
N LEU C 233 -10.99 5.86 -5.31
CA LEU C 233 -11.29 6.84 -4.26
C LEU C 233 -10.07 7.64 -3.80
N GLU C 234 -8.87 7.16 -4.14
CA GLU C 234 -7.64 7.84 -3.76
C GLU C 234 -7.17 8.82 -4.82
N LEU C 235 -7.98 9.00 -5.86
CA LEU C 235 -7.63 9.91 -6.96
C LEU C 235 -7.59 11.41 -6.61
N PRO C 236 -8.63 11.93 -5.90
CA PRO C 236 -8.62 13.37 -5.62
C PRO C 236 -7.35 13.82 -4.89
N ALA C 237 -6.94 13.06 -3.89
CA ALA C 237 -5.75 13.39 -3.12
C ALA C 237 -4.49 13.28 -3.98
N LEU C 238 -4.53 12.39 -4.96
CA LEU C 238 -3.38 12.16 -5.83
C LEU C 238 -3.21 13.29 -6.84
N LEU C 239 -4.32 13.76 -7.38
CA LEU C 239 -4.31 14.80 -8.39
C LEU C 239 -3.77 16.12 -7.85
N GLN C 240 -4.13 16.45 -6.62
CA GLN C 240 -3.70 17.70 -6.01
C GLN C 240 -2.20 17.71 -5.71
N SER C 241 -1.59 16.53 -5.67
CA SER C 241 -0.17 16.42 -5.35
C SER C 241 0.69 16.39 -6.60
N ILE C 242 0.05 16.51 -7.77
CA ILE C 242 0.76 16.46 -9.06
C ILE C 242 1.89 17.49 -9.27
N ASP C 243 1.66 18.79 -9.08
CA ASP C 243 0.39 19.39 -8.63
C ASP C 243 -0.35 20.07 -9.79
V VO4 D . 5.08 -19.27 11.36
O1 VO4 D . 6.34 -19.64 12.75
O2 VO4 D . 5.49 -20.38 9.85
O3 VO4 D . 5.18 -17.42 10.90
O4 VO4 D . 3.31 -19.66 11.97
MG MG E . 4.95 -15.45 10.52
V VO4 F . 11.54 19.16 4.65
O1 VO4 F . 13.08 18.10 4.98
O2 VO4 F . 12.06 20.74 3.68
O3 VO4 F . 10.77 19.70 6.30
O4 VO4 F . 10.27 18.22 3.59
MG MG G . 8.94 16.77 2.92
V VO4 H . -11.46 -1.66 -19.60
O1 VO4 H . -12.12 -2.92 -20.88
O2 VO4 H . -10.08 -0.62 -20.44
O3 VO4 H . -10.75 -2.61 -18.11
O4 VO4 H . -12.89 -0.53 -19.03
MG MG I . -9.87 -2.65 -16.21
#